data_5FR3
#
_entry.id   5FR3
#
_cell.length_a   84.547
_cell.length_b   94.714
_cell.length_c   100.627
_cell.angle_alpha   90.00
_cell.angle_beta   90.00
_cell.angle_gamma   90.00
#
_symmetry.space_group_name_H-M   'P 21 21 21'
#
loop_
_entity.id
_entity.type
_entity.pdbx_description
1 polymer 'PROTECTIVE ANTIGEN'
2 non-polymer 'CALCIUM ION'
3 non-polymer GLYCEROL
4 water water
#
_entity_poly.entity_id   1
_entity_poly.type   'polypeptide(L)'
_entity_poly.pdbx_seq_one_letter_code
;SSSQGLLGYYFSDLNFQAPMVVTSSTTGDLSIPSSELENIPSENQYFQSAIWSGFIKVKKSDEYTFATSADNHVTMWVDD
QEVINKASNSNKIRLEKGRLYQIKIQYQRENPTEKGLDFKLYWTDSQNKKEVISSDNLQLPELKQKSSNSRKKRSTSAGP
TVPDRDNDGIPDSLEVEGYTVDVKNKRTFLSPWISNIHEKKGLTKYKSSPEKWSTASDPYSDFEKVTGRIDKNVSPEARH
PLVAAYPIVHVDMENIILSKNEDQSTQNTDSQTRTISKNTSTSRTHTSEVHGNAEVHASFFDIGGSVSAGFSNSNSSTVA
IDHSLSLAGERTWAETMGLNTADTARLNANIRYVNTGTAPIYNVLPTTSLVLGKNQTLATIKAKENQLSQILAPNNYYPS
KNLAPIALNAQDDFSSTPITMNYNQFLELEKTKQLRLDTDQVYGNIATYNFENGRVRVDTGSNWSEVLPQIQETTARIIF
NGKDLNLVERRIAAVNPSDPLETTKPDMTLKEALKIAFGFNEPNGNLQYQGKDITEFDFNFDQQTLQNIKNQLAELNATN
IYEVLDKIKLNAKMNILIRDKRFHYDRNNIAVGADESVVKEAHREVINSSTEGLLLNIDKDIRKILSGYIVEIEDTEGLK
EVINDRYDMLNISSLRQDGKTFIDFKKYNDKLPLYISNPNYKVNVYAVTKENTIINPSENGDTSTNGIKKILIFSKKGYE
IG
;
_entity_poly.pdbx_strand_id   A
#
loop_
_chem_comp.id
_chem_comp.type
_chem_comp.name
_chem_comp.formula
CA non-polymer 'CALCIUM ION' 'Ca 2'
GOL non-polymer GLYCEROL 'C3 H8 O3'
#
# COMPACT_ATOMS: atom_id res chain seq x y z
N SER A 1 9.11 -26.41 3.16
CA SER A 1 7.87 -25.87 3.71
C SER A 1 7.88 -25.86 5.24
N SER A 2 8.56 -24.86 5.80
CA SER A 2 8.75 -24.75 7.25
C SER A 2 7.49 -24.28 7.98
N SER A 3 6.38 -24.15 7.27
CA SER A 3 5.13 -23.74 7.88
C SER A 3 4.11 -24.87 7.95
N GLN A 4 4.42 -26.00 7.34
CA GLN A 4 3.55 -27.18 7.34
C GLN A 4 3.76 -28.02 8.61
N GLY A 5 2.81 -28.90 8.92
CA GLY A 5 2.91 -29.79 10.07
C GLY A 5 1.60 -29.86 10.86
N LEU A 6 1.68 -30.28 12.12
CA LEU A 6 0.53 -30.22 13.01
C LEU A 6 0.48 -28.87 13.73
N LEU A 7 -0.73 -28.41 14.05
CA LEU A 7 -0.90 -27.15 14.79
C LEU A 7 -1.09 -27.45 16.27
N GLY A 8 -0.29 -26.79 17.11
CA GLY A 8 -0.34 -27.06 18.54
C GLY A 8 -0.76 -25.88 19.40
N TYR A 9 -1.55 -26.18 20.42
CA TYR A 9 -1.96 -25.19 21.41
C TYR A 9 -1.43 -25.64 22.76
N TYR A 10 -0.59 -24.83 23.38
CA TYR A 10 0.03 -25.17 24.66
C TYR A 10 -0.52 -24.31 25.79
N PHE A 11 -1.05 -24.94 26.83
CA PHE A 11 -1.74 -24.22 27.89
C PHE A 11 -0.96 -24.32 29.20
N SER A 12 -0.98 -23.25 30.00
CA SER A 12 -0.36 -23.29 31.31
C SER A 12 -1.26 -24.01 32.32
N ASP A 13 -2.56 -23.98 32.08
CA ASP A 13 -3.51 -24.66 32.96
C ASP A 13 -3.77 -26.10 32.52
N LEU A 14 -4.49 -26.84 33.36
CA LEU A 14 -4.74 -28.26 33.13
C LEU A 14 -5.91 -28.50 32.17
N ASN A 15 -6.76 -27.51 31.97
CA ASN A 15 -8.03 -27.72 31.29
C ASN A 15 -8.27 -26.89 30.02
N PHE A 16 -7.21 -26.73 29.22
CA PHE A 16 -7.30 -26.07 27.90
C PHE A 16 -7.91 -24.66 27.94
N GLN A 17 -7.70 -23.94 29.03
CA GLN A 17 -8.33 -22.63 29.21
C GLN A 17 -7.42 -21.45 28.89
N ALA A 18 -6.13 -21.60 29.19
CA ALA A 18 -5.19 -20.49 29.11
C ALA A 18 -4.08 -20.77 28.10
N PRO A 19 -4.37 -20.62 26.81
CA PRO A 19 -3.37 -20.86 25.77
C PRO A 19 -2.20 -19.89 25.91
N MET A 20 -1.00 -20.46 26.01
N MET A 20 -0.99 -20.44 25.97
CA MET A 20 0.23 -19.68 26.16
CA MET A 20 0.22 -19.64 26.14
C MET A 20 0.97 -19.57 24.84
C MET A 20 1.04 -19.59 24.86
N VAL A 21 1.03 -20.68 24.12
CA VAL A 21 1.73 -20.74 22.84
C VAL A 21 0.88 -21.46 21.79
N VAL A 22 0.74 -20.83 20.63
CA VAL A 22 0.13 -21.48 19.46
C VAL A 22 1.19 -21.53 18.38
N THR A 23 1.57 -22.74 17.96
CA THR A 23 2.60 -22.89 16.93
C THR A 23 2.49 -24.23 16.24
N SER A 24 3.08 -24.32 15.05
CA SER A 24 3.10 -25.57 14.29
C SER A 24 4.42 -26.29 14.48
N SER A 25 4.41 -27.61 14.34
CA SER A 25 5.64 -28.39 14.32
C SER A 25 5.70 -29.18 13.02
N THR A 26 6.87 -29.19 12.38
CA THR A 26 7.01 -29.83 11.07
C THR A 26 6.97 -31.35 11.14
N THR A 27 7.47 -31.90 12.24
CA THR A 27 7.52 -33.36 12.42
C THR A 27 6.68 -33.79 13.60
N GLY A 28 6.74 -35.08 13.94
CA GLY A 28 6.05 -35.59 15.09
C GLY A 28 6.68 -35.16 16.40
N ASP A 29 7.82 -34.47 16.31
CA ASP A 29 8.40 -33.86 17.50
C ASP A 29 7.64 -32.57 17.79
N LEU A 30 6.76 -32.63 18.80
CA LEU A 30 5.88 -31.52 19.12
C LEU A 30 6.42 -30.74 20.32
N SER A 31 7.72 -30.86 20.56
CA SER A 31 8.35 -30.30 21.75
C SER A 31 8.56 -28.79 21.68
N ILE A 32 8.56 -28.15 22.85
CA ILE A 32 9.03 -26.79 22.97
C ILE A 32 10.01 -26.74 24.12
N PRO A 33 11.31 -26.63 23.81
CA PRO A 33 12.34 -26.46 24.84
C PRO A 33 12.13 -25.16 25.60
N SER A 34 12.51 -25.11 26.87
CA SER A 34 12.36 -23.90 27.68
C SER A 34 13.24 -22.79 27.14
N SER A 35 14.25 -23.16 26.36
CA SER A 35 15.17 -22.20 25.77
C SER A 35 14.49 -21.22 24.81
N GLU A 36 13.44 -21.68 24.12
CA GLU A 36 12.71 -20.79 23.21
C GLU A 36 11.43 -20.20 23.82
N LEU A 37 11.45 -19.99 25.13
CA LEU A 37 10.29 -19.44 25.84
C LEU A 37 10.61 -18.15 26.59
N GLU A 38 11.57 -17.37 26.09
CA GLU A 38 11.99 -16.15 26.77
C GLU A 38 10.92 -15.06 26.77
N ASN A 39 9.95 -15.17 25.85
CA ASN A 39 8.84 -14.21 25.82
C ASN A 39 7.65 -14.68 26.65
N ILE A 40 7.86 -15.72 27.43
CA ILE A 40 6.85 -16.20 28.36
C ILE A 40 7.40 -16.11 29.77
N PRO A 41 6.61 -15.54 30.69
CA PRO A 41 6.97 -15.52 32.11
C PRO A 41 7.32 -16.93 32.59
N SER A 42 8.49 -17.08 33.21
CA SER A 42 9.03 -18.37 33.64
C SER A 42 7.99 -19.18 34.41
N GLU A 43 7.23 -18.48 35.24
CA GLU A 43 6.12 -19.06 35.99
C GLU A 43 5.10 -19.73 35.08
N ASN A 44 4.88 -19.14 33.91
CA ASN A 44 3.92 -19.70 32.96
C ASN A 44 4.54 -20.59 31.89
N GLN A 45 5.81 -20.95 32.08
CA GLN A 45 6.50 -21.84 31.15
C GLN A 45 6.18 -23.31 31.42
N TYR A 46 5.31 -23.54 32.39
CA TYR A 46 4.85 -24.89 32.69
C TYR A 46 3.54 -25.19 31.97
N PHE A 47 3.59 -26.18 31.09
CA PHE A 47 2.44 -26.54 30.27
C PHE A 47 1.75 -27.77 30.85
N GLN A 48 0.53 -27.58 31.34
CA GLN A 48 -0.20 -28.66 32.00
C GLN A 48 -1.20 -29.30 31.05
N SER A 49 -1.40 -28.67 29.90
CA SER A 49 -2.26 -29.25 28.87
C SER A 49 -1.86 -28.75 27.48
N ALA A 50 -2.21 -29.55 26.46
CA ALA A 50 -1.92 -29.21 25.08
C ALA A 50 -2.87 -29.93 24.13
N ILE A 51 -3.10 -29.32 22.97
CA ILE A 51 -3.93 -29.90 21.92
C ILE A 51 -3.23 -29.71 20.58
N TRP A 52 -3.12 -30.80 19.82
CA TRP A 52 -2.59 -30.72 18.45
C TRP A 52 -3.67 -31.15 17.46
N SER A 53 -3.73 -30.48 16.32
N SER A 53 -3.68 -30.48 16.32
CA SER A 53 -4.69 -30.87 15.30
CA SER A 53 -4.68 -30.70 15.28
C SER A 53 -4.08 -30.75 13.91
C SER A 53 -4.07 -30.72 13.88
N GLY A 54 -4.65 -31.49 12.97
CA GLY A 54 -4.16 -31.54 11.60
C GLY A 54 -4.62 -32.81 10.90
N PHE A 55 -3.86 -33.23 9.89
CA PHE A 55 -4.14 -34.49 9.22
C PHE A 55 -2.88 -35.33 9.08
N ILE A 56 -3.05 -36.64 8.95
CA ILE A 56 -1.96 -37.52 8.56
C ILE A 56 -2.31 -38.14 7.21
N LYS A 57 -1.34 -38.21 6.32
CA LYS A 57 -1.51 -38.87 5.03
C LYS A 57 -0.34 -39.82 4.83
N VAL A 58 -0.57 -40.93 4.12
CA VAL A 58 0.46 -41.95 3.96
C VAL A 58 0.70 -42.25 2.48
N LYS A 59 1.94 -42.63 2.14
CA LYS A 59 2.33 -42.83 0.75
C LYS A 59 2.58 -44.29 0.46
N LYS A 60 2.05 -45.14 1.32
CA LYS A 60 2.14 -46.59 1.18
C LYS A 60 1.20 -47.20 2.19
N SER A 61 0.11 -47.78 1.70
CA SER A 61 -0.90 -48.38 2.55
C SER A 61 -0.30 -49.45 3.48
N ASP A 62 -0.64 -49.35 4.77
CA ASP A 62 -0.15 -50.30 5.75
C ASP A 62 -0.99 -50.19 7.01
N GLU A 63 -0.75 -51.10 7.95
CA GLU A 63 -1.37 -50.99 9.27
C GLU A 63 -0.38 -50.39 10.26
N TYR A 64 -0.86 -49.42 11.03
CA TYR A 64 0.01 -48.61 11.87
C TYR A 64 -0.35 -48.64 13.35
N THR A 65 0.67 -48.57 14.20
CA THR A 65 0.45 -48.42 15.63
C THR A 65 0.99 -47.06 16.08
N PHE A 66 0.11 -46.22 16.60
CA PHE A 66 0.52 -44.92 17.10
C PHE A 66 1.00 -45.02 18.53
N ALA A 67 2.10 -44.32 18.81
CA ALA A 67 2.61 -44.20 20.16
C ALA A 67 3.10 -42.79 20.39
N THR A 68 3.14 -42.40 21.66
CA THR A 68 3.47 -41.05 22.06
C THR A 68 4.52 -41.19 23.17
N SER A 69 5.31 -40.15 23.44
CA SER A 69 6.31 -40.23 24.50
C SER A 69 5.68 -40.13 25.90
N ALA A 70 4.36 -40.02 25.95
CA ALA A 70 3.63 -39.97 27.22
C ALA A 70 2.19 -40.46 27.06
N ASP A 71 2.02 -41.74 26.74
CA ASP A 71 0.70 -42.29 26.45
C ASP A 71 -0.28 -42.20 27.63
N ASN A 72 0.24 -42.31 28.84
CA ASN A 72 -0.58 -42.25 30.06
C ASN A 72 -1.29 -40.91 30.26
N HIS A 73 -0.85 -39.90 29.54
CA HIS A 73 -1.39 -38.56 29.67
C HIS A 73 -2.08 -38.11 28.38
N VAL A 74 -2.20 -39.04 27.44
CA VAL A 74 -2.68 -38.71 26.10
C VAL A 74 -3.99 -39.38 25.74
N THR A 75 -4.91 -38.59 25.18
CA THR A 75 -6.04 -39.16 24.47
C THR A 75 -5.94 -38.68 23.02
N MET A 76 -6.05 -39.63 22.08
CA MET A 76 -5.81 -39.33 20.67
C MET A 76 -6.88 -39.93 19.80
N TRP A 77 -7.42 -39.11 18.90
CA TRP A 77 -8.43 -39.54 17.96
C TRP A 77 -7.91 -39.46 16.53
N VAL A 78 -8.25 -40.44 15.71
CA VAL A 78 -7.97 -40.41 14.28
C VAL A 78 -9.31 -40.56 13.57
N ASP A 79 -9.76 -39.49 12.91
CA ASP A 79 -11.12 -39.45 12.36
C ASP A 79 -12.18 -39.71 13.43
N ASP A 80 -12.08 -39.00 14.55
CA ASP A 80 -13.00 -39.13 15.68
C ASP A 80 -13.03 -40.50 16.38
N GLN A 81 -12.20 -41.44 15.93
CA GLN A 81 -12.10 -42.71 16.63
C GLN A 81 -10.91 -42.72 17.61
N GLU A 82 -11.22 -42.95 18.89
CA GLU A 82 -10.24 -42.91 19.96
C GLU A 82 -9.23 -44.04 19.77
N VAL A 83 -7.95 -43.69 19.66
CA VAL A 83 -6.90 -44.70 19.44
C VAL A 83 -5.92 -44.83 20.61
N ILE A 84 -5.79 -43.77 21.41
CA ILE A 84 -5.00 -43.80 22.63
C ILE A 84 -5.77 -43.10 23.74
N ASN A 85 -5.81 -43.69 24.94
CA ASN A 85 -6.48 -43.06 26.08
C ASN A 85 -5.84 -43.39 27.43
N LYS A 86 -4.88 -42.57 27.86
CA LYS A 86 -4.25 -42.69 29.17
C LYS A 86 -3.63 -44.08 29.42
N ALA A 87 -3.14 -44.70 28.35
CA ALA A 87 -2.47 -45.99 28.42
C ALA A 87 -1.81 -46.28 27.08
N SER A 88 -0.58 -46.77 27.11
CA SER A 88 0.07 -47.20 25.89
C SER A 88 -0.64 -48.46 25.41
N ASN A 89 -0.61 -48.67 24.09
CA ASN A 89 -1.37 -49.75 23.49
C ASN A 89 -0.75 -50.14 22.15
N SER A 90 -0.99 -51.37 21.70
CA SER A 90 -0.48 -51.83 20.42
C SER A 90 -1.60 -52.18 19.46
N ASN A 91 -2.66 -51.37 19.45
CA ASN A 91 -3.73 -51.57 18.47
C ASN A 91 -3.30 -51.02 17.12
N LYS A 92 -3.65 -51.73 16.06
CA LYS A 92 -3.32 -51.28 14.72
C LYS A 92 -4.49 -50.56 14.06
N ILE A 93 -4.17 -49.56 13.26
CA ILE A 93 -5.16 -48.90 12.42
C ILE A 93 -4.69 -48.95 10.97
N ARG A 94 -5.56 -49.40 10.07
CA ARG A 94 -5.24 -49.42 8.65
C ARG A 94 -5.30 -48.03 8.06
N LEU A 95 -4.19 -47.58 7.48
CA LEU A 95 -4.15 -46.28 6.81
C LEU A 95 -3.97 -46.45 5.30
N GLU A 96 -4.93 -45.93 4.54
CA GLU A 96 -4.92 -46.08 3.09
C GLU A 96 -4.20 -44.93 2.40
N LYS A 97 -3.45 -45.26 1.35
CA LYS A 97 -2.71 -44.28 0.56
C LYS A 97 -3.68 -43.28 -0.04
N GLY A 98 -3.21 -42.06 -0.26
CA GLY A 98 -4.00 -41.04 -0.92
C GLY A 98 -5.28 -40.66 -0.20
N ARG A 99 -5.30 -40.83 1.11
CA ARG A 99 -6.42 -40.38 1.93
C ARG A 99 -5.93 -39.49 3.05
N LEU A 100 -6.83 -38.66 3.56
CA LEU A 100 -6.50 -37.73 4.64
C LEU A 100 -7.19 -38.14 5.94
N TYR A 101 -6.39 -38.54 6.93
CA TYR A 101 -6.95 -38.89 8.22
C TYR A 101 -6.81 -37.73 9.20
N GLN A 102 -7.95 -37.31 9.74
CA GLN A 102 -8.00 -36.23 10.71
C GLN A 102 -7.32 -36.64 12.00
N ILE A 103 -6.40 -35.81 12.48
CA ILE A 103 -5.65 -36.10 13.70
C ILE A 103 -6.04 -35.14 14.82
N LYS A 104 -6.27 -35.66 16.01
CA LYS A 104 -6.44 -34.83 17.19
C LYS A 104 -5.76 -35.49 18.38
N ILE A 105 -5.00 -34.70 19.13
CA ILE A 105 -4.29 -35.19 20.30
C ILE A 105 -4.51 -34.24 21.45
N GLN A 106 -4.87 -34.76 22.62
CA GLN A 106 -4.88 -33.94 23.81
C GLN A 106 -3.88 -34.50 24.81
N TYR A 107 -3.34 -33.61 25.64
CA TYR A 107 -2.33 -33.98 26.63
C TYR A 107 -2.68 -33.24 27.90
N GLN A 108 -2.61 -33.94 29.03
CA GLN A 108 -2.78 -33.29 30.31
C GLN A 108 -1.79 -33.90 31.29
N ARG A 109 -0.96 -33.05 31.88
CA ARG A 109 -0.14 -33.48 33.00
C ARG A 109 -0.15 -32.42 34.09
N GLU A 110 -0.49 -32.85 35.30
CA GLU A 110 -0.61 -31.92 36.42
C GLU A 110 0.78 -31.60 36.96
N ASN A 111 1.04 -30.32 37.20
CA ASN A 111 2.27 -29.87 37.86
C ASN A 111 3.55 -30.53 37.34
N PRO A 112 3.88 -30.30 36.05
CA PRO A 112 5.12 -30.91 35.54
C PRO A 112 6.33 -30.30 36.23
N THR A 113 7.43 -31.05 36.29
CA THR A 113 8.63 -30.58 36.97
C THR A 113 9.57 -29.83 36.04
N GLU A 114 9.36 -29.99 34.74
CA GLU A 114 10.20 -29.31 33.76
C GLU A 114 9.41 -28.21 33.05
N LYS A 115 10.09 -27.14 32.69
CA LYS A 115 9.48 -26.08 31.88
C LYS A 115 9.40 -26.55 30.43
N GLY A 116 8.46 -25.98 29.68
CA GLY A 116 8.27 -26.37 28.29
C GLY A 116 7.60 -27.72 28.17
N LEU A 117 7.83 -28.38 27.04
CA LEU A 117 7.27 -29.72 26.84
C LEU A 117 8.15 -30.57 25.94
N ASP A 118 8.47 -31.77 26.41
CA ASP A 118 9.18 -32.76 25.62
C ASP A 118 8.16 -33.84 25.25
N PHE A 119 7.74 -33.86 23.99
CA PHE A 119 6.62 -34.70 23.55
C PHE A 119 6.79 -35.06 22.08
N LYS A 120 6.75 -36.36 21.79
CA LYS A 120 6.87 -36.81 20.41
C LYS A 120 5.75 -37.78 20.02
N LEU A 121 5.28 -37.63 18.78
CA LEU A 121 4.30 -38.54 18.21
C LEU A 121 5.04 -39.53 17.30
N TYR A 122 4.95 -40.82 17.64
CA TYR A 122 5.60 -41.87 16.85
C TYR A 122 4.57 -42.71 16.11
N TRP A 123 5.06 -43.53 15.18
CA TRP A 123 4.28 -44.65 14.67
C TRP A 123 5.16 -45.82 14.27
N THR A 124 4.55 -46.99 14.13
CA THR A 124 5.27 -48.20 13.77
C THR A 124 4.57 -48.87 12.60
N ASP A 125 5.34 -49.23 11.58
CA ASP A 125 4.80 -49.89 10.39
C ASP A 125 4.61 -51.38 10.63
N SER A 126 4.34 -52.12 9.56
CA SER A 126 4.19 -53.58 9.67
C SER A 126 5.53 -54.30 9.74
N GLN A 127 6.62 -53.56 9.52
CA GLN A 127 7.96 -54.13 9.62
C GLN A 127 8.59 -53.89 10.99
N ASN A 128 7.75 -53.50 11.95
CA ASN A 128 8.21 -53.13 13.28
C ASN A 128 9.19 -51.96 13.28
N LYS A 129 9.15 -51.15 12.22
CA LYS A 129 9.99 -49.96 12.18
C LYS A 129 9.28 -48.76 12.80
N LYS A 130 9.79 -48.33 13.95
CA LYS A 130 9.20 -47.25 14.70
C LYS A 130 10.03 -45.97 14.53
N GLU A 131 9.34 -44.85 14.32
CA GLU A 131 10.02 -43.57 14.21
C GLU A 131 9.07 -42.41 14.48
N VAL A 132 9.63 -41.28 14.88
CA VAL A 132 8.89 -40.03 14.96
C VAL A 132 8.32 -39.75 13.58
N ILE A 133 7.04 -39.37 13.52
CA ILE A 133 6.38 -39.17 12.23
C ILE A 133 7.06 -38.07 11.43
N SER A 134 7.32 -38.37 10.14
CA SER A 134 8.08 -37.46 9.29
C SER A 134 7.26 -36.26 8.81
N SER A 135 7.95 -35.23 8.37
CA SER A 135 7.31 -34.02 7.87
C SER A 135 6.41 -34.29 6.66
N ASP A 136 6.73 -35.34 5.91
CA ASP A 136 6.00 -35.65 4.69
C ASP A 136 4.60 -36.20 4.96
N ASN A 137 4.38 -36.69 6.18
CA ASN A 137 3.12 -37.35 6.52
C ASN A 137 2.15 -36.46 7.30
N LEU A 138 2.55 -35.24 7.60
CA LEU A 138 1.73 -34.35 8.40
C LEU A 138 1.27 -33.14 7.61
N GLN A 139 0.07 -32.64 7.94
CA GLN A 139 -0.39 -31.39 7.36
C GLN A 139 -1.34 -30.65 8.29
N LEU A 140 -1.41 -29.33 8.14
CA LEU A 140 -2.15 -28.45 9.03
C LEU A 140 -3.65 -28.68 8.92
N PRO A 141 -4.40 -28.26 9.96
CA PRO A 141 -5.85 -28.23 9.77
C PRO A 141 -6.23 -27.16 8.73
N GLU A 142 -7.40 -27.29 8.13
CA GLU A 142 -7.84 -26.35 7.10
C GLU A 142 -8.42 -25.09 7.73
N LEU A 143 -7.57 -24.12 8.02
CA LEU A 143 -8.00 -22.90 8.69
C LEU A 143 -8.41 -21.83 7.68
N LYS A 144 -9.36 -22.18 6.83
CA LYS A 144 -9.94 -21.24 5.87
C LYS A 144 -11.36 -20.92 6.30
N GLN A 145 -11.94 -19.90 5.70
CA GLN A 145 -13.31 -19.52 6.03
C GLN A 145 -14.27 -20.64 5.69
N LYS A 146 -15.20 -20.95 6.60
CA LYS A 146 -16.19 -21.98 6.32
C LYS A 146 -17.36 -21.39 5.56
N SER A 147 -18.26 -22.27 5.12
CA SER A 147 -19.47 -21.86 4.45
C SER A 147 -20.51 -21.48 5.49
N SER A 148 -21.66 -20.99 5.03
CA SER A 148 -22.75 -20.61 5.91
C SER A 148 -23.25 -21.81 6.72
N ASN A 149 -23.38 -22.96 6.07
CA ASN A 149 -23.82 -24.17 6.74
C ASN A 149 -22.77 -24.83 7.64
N SER A 150 -21.66 -24.15 7.86
CA SER A 150 -20.63 -24.62 8.77
C SER A 150 -20.17 -23.52 9.71
N THR A 156 -19.44 -35.90 15.24
CA THR A 156 -18.96 -34.61 15.74
C THR A 156 -18.09 -34.75 17.00
N SER A 157 -17.62 -33.60 17.49
CA SER A 157 -16.72 -33.53 18.64
C SER A 157 -15.44 -34.36 18.51
N ALA A 158 -15.36 -35.42 19.31
CA ALA A 158 -14.12 -36.13 19.60
C ALA A 158 -13.11 -35.21 20.27
N GLY A 159 -13.32 -34.93 21.56
CA GLY A 159 -12.35 -34.20 22.35
C GLY A 159 -12.56 -32.70 22.43
N PRO A 160 -11.62 -32.01 23.11
CA PRO A 160 -11.71 -30.59 23.46
C PRO A 160 -11.61 -29.69 22.25
N THR A 161 -12.35 -28.58 22.26
CA THR A 161 -12.30 -27.64 21.14
C THR A 161 -11.79 -26.27 21.57
N VAL A 162 -10.72 -25.82 20.92
CA VAL A 162 -10.27 -24.45 21.08
C VAL A 162 -11.37 -23.58 20.49
N PRO A 163 -11.93 -22.67 21.31
CA PRO A 163 -12.96 -21.78 20.76
C PRO A 163 -12.34 -20.95 19.65
N ASP A 164 -12.84 -21.13 18.43
CA ASP A 164 -12.29 -20.45 17.27
C ASP A 164 -13.43 -20.26 16.28
N ARG A 165 -14.32 -19.35 16.61
CA ARG A 165 -15.58 -19.15 15.88
C ARG A 165 -15.37 -18.90 14.39
N ASP A 166 -14.29 -18.23 14.02
CA ASP A 166 -14.11 -17.87 12.62
C ASP A 166 -13.14 -18.79 11.87
N ASN A 167 -12.61 -19.78 12.57
CA ASN A 167 -11.75 -20.80 11.96
C ASN A 167 -10.45 -20.26 11.36
N ASP A 168 -9.94 -19.14 11.88
CA ASP A 168 -8.64 -18.67 11.43
C ASP A 168 -7.47 -19.34 12.17
N GLY A 169 -7.77 -19.91 13.33
CA GLY A 169 -6.74 -20.60 14.10
C GLY A 169 -6.42 -19.93 15.42
N ILE A 170 -6.73 -18.64 15.51
CA ILE A 170 -6.46 -17.89 16.75
C ILE A 170 -7.67 -18.02 17.66
N PRO A 171 -7.44 -18.45 18.92
CA PRO A 171 -8.55 -18.63 19.87
C PRO A 171 -9.34 -17.34 20.05
N ASP A 172 -10.66 -17.45 20.28
CA ASP A 172 -11.51 -16.27 20.44
C ASP A 172 -10.94 -15.29 21.46
N SER A 173 -10.56 -15.83 22.63
CA SER A 173 -10.11 -15.01 23.75
C SER A 173 -8.86 -14.18 23.43
N LEU A 174 -7.93 -14.76 22.66
CA LEU A 174 -6.70 -14.04 22.31
C LEU A 174 -6.99 -12.89 21.35
N GLU A 175 -7.84 -13.12 20.35
CA GLU A 175 -8.16 -12.07 19.38
C GLU A 175 -8.78 -10.87 20.08
N VAL A 176 -9.64 -11.15 21.06
CA VAL A 176 -10.35 -10.12 21.81
C VAL A 176 -9.44 -9.37 22.79
N GLU A 177 -8.70 -10.12 23.59
CA GLU A 177 -7.94 -9.52 24.68
C GLU A 177 -6.56 -9.04 24.27
N GLY A 178 -6.03 -9.60 23.19
CA GLY A 178 -4.74 -9.15 22.68
C GLY A 178 -3.74 -10.28 22.58
N TYR A 179 -2.96 -10.28 21.50
CA TYR A 179 -1.94 -11.31 21.30
C TYR A 179 -0.74 -10.74 20.58
N THR A 180 0.32 -11.53 20.52
CA THR A 180 1.50 -11.12 19.76
C THR A 180 2.17 -12.33 19.17
N VAL A 181 3.14 -12.09 18.30
CA VAL A 181 3.92 -13.17 17.74
C VAL A 181 5.39 -12.85 17.89
N ASP A 182 6.21 -13.89 17.97
CA ASP A 182 7.65 -13.72 17.93
C ASP A 182 8.28 -14.93 17.28
N VAL A 183 9.29 -14.68 16.46
CA VAL A 183 9.93 -15.74 15.69
C VAL A 183 11.11 -16.35 16.47
N LYS A 184 10.98 -17.62 16.84
CA LYS A 184 12.08 -18.37 17.46
C LYS A 184 12.55 -19.45 16.50
N ASN A 185 13.70 -19.22 15.87
CA ASN A 185 14.29 -20.19 14.94
C ASN A 185 13.39 -20.56 13.77
N LYS A 186 12.97 -21.82 13.71
CA LYS A 186 12.16 -22.33 12.60
C LYS A 186 10.67 -22.06 12.79
N ARG A 187 10.31 -21.33 13.83
CA ARG A 187 8.89 -21.19 14.22
C ARG A 187 8.47 -19.79 14.65
N THR A 188 7.19 -19.51 14.49
CA THR A 188 6.56 -18.31 15.04
C THR A 188 5.62 -18.72 16.18
N PHE A 189 5.89 -18.24 17.39
CA PHE A 189 5.02 -18.49 18.52
C PHE A 189 4.00 -17.39 18.65
N LEU A 190 2.71 -17.75 18.65
CA LEU A 190 1.65 -16.78 18.91
C LEU A 190 1.25 -16.92 20.38
N SER A 191 1.20 -15.81 21.10
CA SER A 191 0.98 -15.83 22.54
C SER A 191 0.03 -14.72 22.97
N PRO A 192 -0.62 -14.89 24.13
CA PRO A 192 -1.42 -13.78 24.68
C PRO A 192 -0.53 -12.58 24.96
N TRP A 193 -1.08 -11.38 24.85
CA TRP A 193 -0.31 -10.18 25.19
C TRP A 193 -0.13 -10.08 26.69
N ILE A 194 1.12 -9.90 27.12
CA ILE A 194 1.48 -9.73 28.53
C ILE A 194 2.34 -8.46 28.61
N SER A 195 1.71 -7.35 29.02
CA SER A 195 2.30 -6.02 28.89
C SER A 195 3.68 -5.86 29.52
N ASN A 196 3.87 -6.51 30.66
CA ASN A 196 5.08 -6.38 31.46
C ASN A 196 6.29 -7.16 30.93
N ILE A 197 6.08 -7.91 29.86
CA ILE A 197 7.16 -8.66 29.22
C ILE A 197 7.33 -8.21 27.77
N HIS A 198 6.20 -8.08 27.07
CA HIS A 198 6.20 -7.93 25.62
C HIS A 198 6.52 -6.53 25.10
N GLU A 199 6.13 -5.50 25.85
CA GLU A 199 6.44 -4.13 25.42
C GLU A 199 7.94 -3.92 25.26
N LYS A 200 8.70 -4.27 26.29
CA LYS A 200 10.14 -4.08 26.28
C LYS A 200 10.90 -5.16 25.51
N LYS A 201 10.18 -6.00 24.77
CA LYS A 201 10.79 -6.96 23.86
C LYS A 201 10.61 -6.48 22.43
N GLY A 202 9.94 -5.34 22.28
CA GLY A 202 9.70 -4.74 20.98
C GLY A 202 8.59 -5.39 20.18
N LEU A 203 7.74 -6.16 20.86
CA LEU A 203 6.69 -6.89 20.19
C LEU A 203 5.47 -6.00 19.88
N THR A 204 4.71 -6.39 18.87
CA THR A 204 3.51 -5.66 18.46
C THR A 204 2.27 -6.28 19.10
N LYS A 205 1.45 -5.46 19.74
CA LYS A 205 0.20 -5.95 20.33
C LYS A 205 -0.91 -6.00 19.28
N TYR A 206 -1.46 -7.19 19.05
CA TYR A 206 -2.55 -7.35 18.08
C TYR A 206 -3.87 -7.60 18.76
N LYS A 207 -4.94 -7.05 18.19
CA LYS A 207 -6.29 -7.50 18.48
C LYS A 207 -6.95 -7.66 17.13
N SER A 208 -7.94 -8.55 17.05
CA SER A 208 -8.65 -8.76 15.81
C SER A 208 -10.03 -9.29 16.14
N SER A 209 -10.89 -9.38 15.13
CA SER A 209 -12.24 -9.93 15.35
C SER A 209 -12.23 -11.45 15.39
N PRO A 210 -12.79 -12.03 16.46
CA PRO A 210 -12.91 -13.49 16.55
C PRO A 210 -14.01 -14.04 15.65
N GLU A 211 -14.71 -13.16 14.94
CA GLU A 211 -15.82 -13.56 14.09
C GLU A 211 -15.48 -13.34 12.62
N LYS A 212 -14.36 -12.69 12.37
CA LYS A 212 -13.92 -12.44 11.00
C LYS A 212 -12.62 -13.17 10.73
N TRP A 213 -12.67 -14.10 9.79
CA TRP A 213 -11.50 -14.88 9.40
C TRP A 213 -10.39 -13.94 8.98
N SER A 214 -10.77 -12.92 8.21
CA SER A 214 -9.90 -11.77 7.97
C SER A 214 -10.59 -10.52 8.50
N THR A 215 -10.02 -9.90 9.52
CA THR A 215 -10.66 -8.75 10.15
C THR A 215 -10.77 -7.54 9.22
N ALA A 216 -9.80 -7.37 8.33
CA ALA A 216 -9.90 -6.30 7.34
C ALA A 216 -10.77 -6.70 6.16
N SER A 217 -11.40 -7.87 6.24
CA SER A 217 -12.23 -8.40 5.16
C SER A 217 -11.46 -8.62 3.86
N ASP A 218 -10.15 -8.81 3.97
CA ASP A 218 -9.30 -9.04 2.80
C ASP A 218 -9.07 -10.56 2.61
N PRO A 219 -8.25 -11.00 1.63
CA PRO A 219 -8.26 -12.46 1.46
C PRO A 219 -7.19 -13.21 2.25
N TYR A 220 -6.61 -12.56 3.26
CA TYR A 220 -5.58 -13.20 4.08
C TYR A 220 -6.08 -13.27 5.52
N SER A 221 -6.04 -14.46 6.12
CA SER A 221 -6.56 -14.64 7.49
C SER A 221 -5.72 -13.90 8.53
N ASP A 222 -6.34 -13.61 9.67
CA ASP A 222 -5.63 -12.92 10.75
C ASP A 222 -4.42 -13.75 11.18
N PHE A 223 -4.59 -15.07 11.17
CA PHE A 223 -3.54 -15.99 11.56
C PHE A 223 -2.46 -16.07 10.49
N GLU A 224 -2.88 -16.14 9.22
CA GLU A 224 -1.93 -16.16 8.10
C GLU A 224 -1.04 -14.93 8.11
N LYS A 225 -1.63 -13.76 8.34
CA LYS A 225 -0.89 -12.50 8.39
C LYS A 225 0.19 -12.50 9.46
N VAL A 226 -0.17 -12.86 10.69
CA VAL A 226 0.79 -12.70 11.80
C VAL A 226 1.83 -13.81 11.89
N THR A 227 1.58 -14.94 11.23
CA THR A 227 2.54 -16.05 11.26
C THR A 227 3.37 -16.15 9.99
N GLY A 228 3.24 -15.17 9.11
CA GLY A 228 4.03 -15.17 7.89
C GLY A 228 3.57 -16.19 6.85
N ARG A 229 2.37 -16.73 7.03
CA ARG A 229 1.79 -17.63 6.04
C ARG A 229 1.06 -16.79 4.99
N ILE A 230 1.81 -15.94 4.30
CA ILE A 230 1.22 -14.96 3.39
C ILE A 230 2.20 -14.61 2.28
N ASP A 231 1.65 -14.29 1.12
CA ASP A 231 2.38 -13.73 -0.03
C ASP A 231 3.45 -12.74 0.45
N LYS A 232 4.70 -13.00 0.06
CA LYS A 232 5.81 -12.16 0.51
C LYS A 232 5.75 -10.76 -0.07
N ASN A 233 4.94 -10.59 -1.12
CA ASN A 233 4.83 -9.30 -1.79
C ASN A 233 3.76 -8.40 -1.18
N VAL A 234 3.02 -8.93 -0.21
CA VAL A 234 2.09 -8.09 0.53
C VAL A 234 2.87 -7.08 1.39
N SER A 235 2.47 -5.81 1.34
CA SER A 235 3.13 -4.74 2.09
C SER A 235 3.24 -5.08 3.58
N PRO A 236 4.38 -4.76 4.20
CA PRO A 236 4.58 -5.13 5.60
C PRO A 236 3.53 -4.55 6.55
N GLU A 237 3.03 -3.34 6.29
CA GLU A 237 2.01 -2.77 7.18
C GLU A 237 0.71 -3.57 7.14
N ALA A 238 0.46 -4.20 6.00
CA ALA A 238 -0.75 -4.99 5.81
C ALA A 238 -0.61 -6.42 6.32
N ARG A 239 0.46 -6.70 7.07
CA ARG A 239 0.56 -7.96 7.81
C ARG A 239 -0.11 -7.80 9.17
N HIS A 240 -0.56 -6.58 9.45
CA HIS A 240 -1.34 -6.30 10.66
C HIS A 240 -2.79 -6.66 10.34
N PRO A 241 -3.45 -7.44 11.21
CA PRO A 241 -4.82 -7.89 10.93
C PRO A 241 -5.82 -6.74 10.76
N LEU A 242 -5.46 -5.54 11.22
CA LEU A 242 -6.39 -4.41 11.12
C LEU A 242 -6.11 -3.50 9.93
N VAL A 243 -5.06 -3.82 9.16
CA VAL A 243 -4.73 -3.03 7.97
C VAL A 243 -5.05 -3.87 6.74
N ALA A 244 -5.84 -3.31 5.83
CA ALA A 244 -6.29 -4.07 4.66
C ALA A 244 -5.19 -4.26 3.61
N ALA A 245 -5.17 -5.46 3.03
CA ALA A 245 -4.21 -5.80 2.00
C ALA A 245 -4.95 -5.93 0.67
N TYR A 246 -4.78 -4.94 -0.21
CA TYR A 246 -5.46 -4.93 -1.50
C TYR A 246 -4.68 -4.04 -2.48
N PRO A 247 -4.78 -4.35 -3.78
CA PRO A 247 -4.08 -3.55 -4.79
C PRO A 247 -4.81 -2.25 -5.08
N ILE A 248 -4.06 -1.23 -5.48
CA ILE A 248 -4.63 0.04 -5.90
C ILE A 248 -3.85 0.47 -7.13
N VAL A 249 -4.49 0.43 -8.29
CA VAL A 249 -3.77 0.61 -9.55
C VAL A 249 -4.19 1.86 -10.31
N HIS A 250 -3.21 2.64 -10.76
CA HIS A 250 -3.49 3.70 -11.71
C HIS A 250 -2.47 3.66 -12.85
N VAL A 251 -2.74 4.41 -13.91
CA VAL A 251 -1.84 4.46 -15.05
C VAL A 251 -1.07 5.78 -15.03
N ASP A 252 0.26 5.68 -15.17
CA ASP A 252 1.13 6.84 -15.28
C ASP A 252 1.55 7.00 -16.74
N MET A 253 1.13 8.10 -17.37
CA MET A 253 1.58 8.39 -18.74
C MET A 253 2.87 9.20 -18.67
N GLU A 254 3.92 8.72 -19.35
CA GLU A 254 5.25 9.34 -19.27
C GLU A 254 5.53 10.38 -20.36
N ASN A 255 5.14 10.06 -21.59
CA ASN A 255 5.24 11.04 -22.67
C ASN A 255 4.18 10.77 -23.73
N ILE A 256 4.05 11.71 -24.67
CA ILE A 256 2.99 11.63 -25.67
C ILE A 256 3.51 12.14 -27.00
N ILE A 257 2.99 11.58 -28.09
CA ILE A 257 3.31 12.05 -29.43
C ILE A 257 2.00 12.29 -30.16
N LEU A 258 1.80 13.51 -30.67
CA LEU A 258 0.61 13.83 -31.45
C LEU A 258 1.05 14.07 -32.88
N SER A 259 0.33 13.49 -33.83
CA SER A 259 0.66 13.67 -35.23
C SER A 259 -0.60 13.86 -36.07
N LYS A 260 -0.44 14.38 -37.27
CA LYS A 260 -1.54 14.45 -38.21
C LYS A 260 -1.68 13.10 -38.90
N ASN A 261 -2.91 12.63 -39.06
CA ASN A 261 -3.15 11.44 -39.88
C ASN A 261 -3.10 11.75 -41.37
N GLU A 262 -2.15 11.10 -42.05
CA GLU A 262 -1.94 11.32 -43.48
C GLU A 262 -1.18 10.13 -44.05
N ASP A 263 -0.99 10.14 -45.37
CA ASP A 263 -0.22 9.09 -46.02
C ASP A 263 1.27 9.32 -45.89
N ARG A 274 6.90 18.39 -37.51
CA ARG A 274 5.55 18.08 -37.96
C ARG A 274 4.73 17.42 -36.87
N THR A 275 5.39 16.62 -36.02
CA THR A 275 4.73 15.99 -34.88
C THR A 275 4.99 16.78 -33.61
N ILE A 276 4.17 16.56 -32.59
CA ILE A 276 4.37 17.17 -31.29
C ILE A 276 4.76 16.07 -30.32
N SER A 277 5.96 16.16 -29.75
CA SER A 277 6.42 15.16 -28.79
C SER A 277 6.72 15.85 -27.47
N LYS A 278 5.98 15.47 -26.44
CA LYS A 278 6.07 16.16 -25.16
C LYS A 278 6.09 15.19 -23.99
N ASN A 279 6.87 15.52 -22.96
CA ASN A 279 6.78 14.78 -21.72
C ASN A 279 5.44 15.07 -21.06
N THR A 280 4.94 14.11 -20.28
CA THR A 280 3.70 14.32 -19.56
C THR A 280 3.94 14.02 -18.09
N SER A 281 3.17 14.68 -17.23
CA SER A 281 3.24 14.42 -15.79
C SER A 281 1.90 13.88 -15.36
N THR A 282 1.91 12.73 -14.69
CA THR A 282 0.64 12.08 -14.33
C THR A 282 0.54 11.89 -12.82
N SER A 283 -0.63 12.17 -12.27
CA SER A 283 -0.84 12.02 -10.84
C SER A 283 -2.15 11.28 -10.56
N ARG A 284 -2.07 10.30 -9.67
CA ARG A 284 -3.29 9.64 -9.19
C ARG A 284 -4.04 10.67 -8.37
N THR A 285 -5.36 10.71 -8.54
CA THR A 285 -6.17 11.78 -7.95
C THR A 285 -7.15 11.31 -6.89
N HIS A 286 -7.62 12.27 -6.09
CA HIS A 286 -8.74 12.04 -5.20
C HIS A 286 -9.62 13.28 -5.23
N THR A 287 -10.78 13.16 -5.87
CA THR A 287 -11.60 14.35 -6.11
C THR A 287 -12.50 14.66 -4.93
N SER A 288 -12.29 15.83 -4.33
CA SER A 288 -13.09 16.28 -3.20
C SER A 288 -14.48 16.71 -3.65
N GLU A 289 -15.40 16.84 -2.70
CA GLU A 289 -16.76 17.30 -2.99
C GLU A 289 -16.84 18.83 -2.86
N VAL A 290 -17.48 19.46 -3.85
CA VAL A 290 -17.63 20.91 -3.91
C VAL A 290 -16.29 21.64 -4.04
N VAL A 307 -13.62 21.13 -0.79
CA VAL A 307 -13.93 21.45 0.59
C VAL A 307 -13.96 20.18 1.46
N SER A 308 -14.58 19.13 0.94
CA SER A 308 -14.67 17.87 1.68
C SER A 308 -14.23 16.67 0.84
N ALA A 309 -13.50 15.75 1.48
CA ALA A 309 -13.00 14.54 0.82
C ALA A 309 -14.11 13.75 0.12
N GLY A 310 -13.74 13.00 -0.92
CA GLY A 310 -14.72 12.27 -1.70
C GLY A 310 -15.00 10.87 -1.19
N PHE A 311 -16.14 10.31 -1.60
CA PHE A 311 -16.56 8.98 -1.18
C PHE A 311 -16.11 7.90 -2.16
N SER A 312 -15.77 8.33 -3.39
CA SER A 312 -15.49 7.42 -4.49
C SER A 312 -14.25 6.55 -4.27
N ASN A 313 -14.35 5.28 -4.69
CA ASN A 313 -13.24 4.35 -4.62
C ASN A 313 -12.69 3.99 -6.00
N SER A 314 -13.01 4.80 -7.01
CA SER A 314 -12.56 4.51 -8.37
C SER A 314 -11.12 4.95 -8.57
N ASN A 315 -10.41 4.28 -9.48
CA ASN A 315 -9.03 4.64 -9.77
C ASN A 315 -8.99 5.64 -10.90
N SER A 316 -8.31 6.76 -10.71
CA SER A 316 -8.21 7.73 -11.81
C SER A 316 -6.91 8.49 -11.68
N SER A 317 -6.36 8.89 -12.82
CA SER A 317 -5.18 9.74 -12.80
C SER A 317 -5.35 10.82 -13.86
N THR A 318 -4.71 11.96 -13.63
CA THR A 318 -4.85 13.09 -14.53
C THR A 318 -3.49 13.41 -15.11
N VAL A 319 -3.45 13.61 -16.43
CA VAL A 319 -2.21 13.80 -17.16
C VAL A 319 -2.06 15.25 -17.59
N ALA A 320 -0.94 15.88 -17.24
CA ALA A 320 -0.67 17.22 -17.76
C ALA A 320 0.41 17.15 -18.84
N ILE A 321 0.08 17.62 -20.04
CA ILE A 321 1.02 17.64 -21.15
C ILE A 321 1.86 18.92 -21.13
N ASP A 322 3.18 18.75 -21.20
CA ASP A 322 4.10 19.87 -21.15
C ASP A 322 3.75 20.93 -22.19
N HIS A 323 3.59 22.18 -21.75
CA HIS A 323 3.16 23.26 -22.65
C HIS A 323 4.35 23.98 -23.27
N SER A 324 5.56 23.61 -22.86
CA SER A 324 6.75 24.32 -23.28
C SER A 324 6.97 24.32 -24.79
N LEU A 325 7.85 25.23 -25.21
CA LEU A 325 8.22 25.43 -26.61
C LEU A 325 8.89 24.18 -27.18
N SER A 326 8.68 23.94 -28.47
CA SER A 326 9.39 22.88 -29.18
C SER A 326 10.46 23.48 -30.07
N GLU A 330 7.44 29.45 -32.46
CA GLU A 330 6.46 28.95 -33.42
C GLU A 330 5.02 29.19 -32.94
N ARG A 331 4.07 28.52 -33.56
CA ARG A 331 2.65 28.74 -33.23
C ARG A 331 1.97 27.51 -32.63
N THR A 332 0.64 27.43 -32.76
CA THR A 332 -0.14 26.35 -32.14
C THR A 332 0.28 24.96 -32.61
N TRP A 333 0.05 23.95 -31.76
CA TRP A 333 0.30 22.56 -32.13
C TRP A 333 -0.38 22.21 -33.44
N ALA A 334 -1.65 22.61 -33.56
CA ALA A 334 -2.47 22.32 -34.72
C ALA A 334 -1.83 22.82 -36.01
N GLU A 335 -1.25 24.03 -35.95
CA GLU A 335 -0.60 24.61 -37.12
C GLU A 335 0.73 23.92 -37.40
N THR A 336 1.48 23.62 -36.35
CA THR A 336 2.74 22.88 -36.49
C THR A 336 2.51 21.54 -37.18
N MET A 337 1.41 20.89 -36.82
CA MET A 337 1.05 19.60 -37.41
C MET A 337 0.38 19.75 -38.77
N GLY A 338 -0.01 20.97 -39.13
CA GLY A 338 -0.75 21.20 -40.37
C GLY A 338 -2.15 20.64 -40.29
N LEU A 339 -2.71 20.65 -39.08
CA LEU A 339 -4.01 20.03 -38.81
C LEU A 339 -5.15 20.99 -39.09
N ASN A 340 -5.87 20.76 -40.19
CA ASN A 340 -7.00 21.62 -40.54
C ASN A 340 -8.37 20.99 -40.27
N THR A 341 -9.44 21.75 -40.54
CA THR A 341 -10.79 21.41 -40.07
C THR A 341 -11.26 19.99 -40.39
N ALA A 342 -10.87 19.46 -41.54
CA ALA A 342 -11.32 18.14 -41.97
C ALA A 342 -10.29 17.03 -41.72
N ASP A 343 -9.21 17.35 -41.00
CA ASP A 343 -8.17 16.36 -40.71
C ASP A 343 -8.44 15.64 -39.38
N THR A 344 -7.73 14.53 -39.17
CA THR A 344 -7.79 13.81 -37.91
C THR A 344 -6.39 13.71 -37.33
N ALA A 345 -6.29 13.82 -36.00
CA ALA A 345 -4.99 13.72 -35.33
C ALA A 345 -4.85 12.32 -34.72
N ARG A 346 -3.62 11.87 -34.59
CA ARG A 346 -3.33 10.57 -33.98
C ARG A 346 -2.53 10.74 -32.71
N LEU A 347 -2.80 9.91 -31.70
CA LEU A 347 -2.13 9.99 -30.42
C LEU A 347 -1.45 8.66 -30.10
N ASN A 348 -0.19 8.73 -29.67
CA ASN A 348 0.50 7.56 -29.12
C ASN A 348 1.17 8.03 -27.84
N ALA A 349 1.51 7.09 -26.97
CA ALA A 349 2.07 7.48 -25.68
C ALA A 349 2.76 6.29 -25.04
N ASN A 350 3.61 6.57 -24.06
CA ASN A 350 4.21 5.54 -23.24
C ASN A 350 3.61 5.59 -21.85
N ILE A 351 3.26 4.44 -21.29
CA ILE A 351 2.63 4.38 -19.97
C ILE A 351 3.26 3.29 -19.09
N ARG A 352 2.99 3.35 -17.79
CA ARG A 352 3.26 2.26 -16.86
C ARG A 352 2.07 2.10 -15.93
N TYR A 353 1.89 0.90 -15.39
CA TYR A 353 0.90 0.70 -14.34
C TYR A 353 1.59 0.88 -12.99
N VAL A 354 0.90 1.54 -12.06
CA VAL A 354 1.44 1.82 -10.73
C VAL A 354 0.53 1.20 -9.68
N ASN A 355 1.11 0.40 -8.79
CA ASN A 355 0.35 -0.16 -7.67
C ASN A 355 0.76 0.59 -6.41
N THR A 356 -0.16 1.38 -5.86
CA THR A 356 0.12 2.16 -4.66
C THR A 356 -0.62 1.54 -3.47
N GLY A 357 -1.12 0.34 -3.67
CA GLY A 357 -1.83 -0.38 -2.63
C GLY A 357 -0.92 -1.25 -1.76
N THR A 358 -1.50 -2.29 -1.18
CA THR A 358 -0.80 -3.13 -0.21
C THR A 358 -0.80 -4.62 -0.57
N ALA A 359 -1.28 -4.97 -1.76
CA ALA A 359 -1.26 -6.35 -2.23
C ALA A 359 -0.89 -6.38 -3.71
N PRO A 360 -0.24 -7.48 -4.14
CA PRO A 360 0.21 -7.56 -5.54
C PRO A 360 -0.85 -8.10 -6.47
N ILE A 361 -0.62 -7.92 -7.77
N ILE A 361 -0.67 -7.88 -7.77
CA ILE A 361 -1.48 -8.41 -8.84
CA ILE A 361 -1.55 -8.53 -8.74
C ILE A 361 -0.69 -9.36 -9.74
C ILE A 361 -0.70 -9.40 -9.66
N TYR A 362 -1.30 -10.48 -10.15
CA TYR A 362 -0.57 -11.50 -10.90
C TYR A 362 -0.97 -11.75 -12.35
N ASN A 363 -2.26 -11.85 -12.63
CA ASN A 363 -2.67 -12.34 -13.96
C ASN A 363 -3.62 -11.46 -14.79
N VAL A 364 -4.07 -10.35 -14.23
CA VAL A 364 -4.97 -9.44 -14.95
C VAL A 364 -4.65 -7.99 -14.59
N LEU A 365 -4.34 -7.17 -15.60
CA LEU A 365 -4.20 -5.73 -15.38
C LEU A 365 -5.54 -5.07 -15.68
N PRO A 366 -5.90 -4.05 -14.89
CA PRO A 366 -7.23 -3.45 -15.04
C PRO A 366 -7.36 -2.69 -16.35
N THR A 367 -8.57 -2.59 -16.87
CA THR A 367 -8.83 -1.87 -18.11
C THR A 367 -8.90 -0.36 -17.81
N THR A 368 -8.43 0.45 -18.75
CA THR A 368 -8.35 1.90 -18.55
C THR A 368 -8.96 2.63 -19.73
N SER A 369 -9.72 3.70 -19.44
CA SER A 369 -10.23 4.60 -20.48
C SER A 369 -9.35 5.83 -20.53
N LEU A 370 -8.91 6.21 -21.73
CA LEU A 370 -8.22 7.48 -21.92
C LEU A 370 -9.27 8.51 -22.30
N VAL A 371 -9.43 9.54 -21.46
CA VAL A 371 -10.57 10.45 -21.60
C VAL A 371 -10.19 11.91 -21.87
N LEU A 372 -10.82 12.50 -22.88
CA LEU A 372 -10.63 13.91 -23.19
C LEU A 372 -11.80 14.70 -22.61
N GLY A 373 -11.51 15.81 -21.95
CA GLY A 373 -12.55 16.60 -21.31
C GLY A 373 -13.28 15.80 -20.26
N LYS A 374 -14.60 16.03 -20.13
CA LYS A 374 -15.40 15.33 -19.14
C LYS A 374 -15.55 13.84 -19.41
N ASN A 375 -15.93 13.48 -20.64
CA ASN A 375 -16.32 12.12 -20.94
C ASN A 375 -16.19 11.69 -22.40
N GLN A 376 -15.19 12.24 -23.08
CA GLN A 376 -14.87 11.80 -24.44
C GLN A 376 -13.78 10.74 -24.39
N THR A 377 -14.18 9.47 -24.49
CA THR A 377 -13.23 8.36 -24.48
C THR A 377 -12.52 8.29 -25.82
N LEU A 378 -11.20 8.48 -25.80
CA LEU A 378 -10.41 8.40 -27.03
C LEU A 378 -9.93 6.98 -27.27
N ALA A 379 -9.79 6.21 -26.21
CA ALA A 379 -9.23 4.87 -26.33
C ALA A 379 -9.56 4.03 -25.12
N THR A 380 -9.68 2.73 -25.34
CA THR A 380 -9.74 1.76 -24.26
C THR A 380 -8.40 1.03 -24.22
N ILE A 381 -7.71 1.11 -23.09
CA ILE A 381 -6.38 0.53 -22.95
C ILE A 381 -6.46 -0.78 -22.19
N LYS A 382 -6.12 -1.90 -22.84
CA LYS A 382 -6.16 -3.21 -22.20
C LYS A 382 -4.85 -3.98 -22.34
N ALA A 383 -4.53 -4.77 -21.32
CA ALA A 383 -3.46 -5.77 -21.41
C ALA A 383 -4.11 -7.13 -21.56
N LYS A 384 -3.37 -8.09 -22.12
CA LYS A 384 -3.91 -9.43 -22.31
C LYS A 384 -4.02 -10.17 -20.99
N GLU A 385 -5.21 -10.71 -20.71
CA GLU A 385 -5.45 -11.48 -19.48
C GLU A 385 -4.53 -12.70 -19.44
N ASN A 386 -4.02 -13.02 -18.26
CA ASN A 386 -3.17 -14.20 -18.04
C ASN A 386 -1.89 -14.21 -18.87
N GLN A 387 -1.45 -13.04 -19.31
CA GLN A 387 -0.24 -12.93 -20.12
C GLN A 387 0.65 -11.79 -19.64
N LEU A 388 0.65 -11.58 -18.32
CA LEU A 388 1.50 -10.55 -17.72
C LEU A 388 2.95 -11.01 -17.81
N SER A 389 3.85 -10.06 -18.06
CA SER A 389 5.27 -10.38 -18.19
C SER A 389 5.95 -10.38 -16.83
N GLN A 390 5.26 -9.86 -15.82
CA GLN A 390 5.79 -9.77 -14.46
C GLN A 390 4.71 -9.48 -13.44
N ILE A 391 5.06 -9.60 -12.17
CA ILE A 391 4.18 -9.19 -11.08
C ILE A 391 4.00 -7.69 -11.13
N LEU A 392 2.87 -7.21 -10.63
CA LEU A 392 2.72 -5.79 -10.32
C LEU A 392 2.62 -5.65 -8.80
N ALA A 393 3.76 -5.38 -8.17
CA ALA A 393 3.86 -5.39 -6.71
C ALA A 393 3.54 -4.02 -6.10
N PRO A 394 3.16 -4.00 -4.82
CA PRO A 394 2.90 -2.74 -4.12
C PRO A 394 4.12 -1.82 -4.18
N ASN A 395 3.87 -0.52 -4.27
CA ASN A 395 4.94 0.47 -4.37
C ASN A 395 5.83 0.21 -5.58
N ASN A 396 5.23 -0.23 -6.67
CA ASN A 396 6.02 -0.59 -7.84
C ASN A 396 5.30 -0.38 -9.16
N TYR A 397 6.00 -0.70 -10.24
CA TYR A 397 5.53 -0.36 -11.58
C TYR A 397 5.43 -1.58 -12.47
N TYR A 398 4.57 -1.49 -13.48
CA TYR A 398 4.50 -2.50 -14.54
C TYR A 398 4.54 -1.72 -15.85
N PRO A 399 5.55 -1.97 -16.69
CA PRO A 399 6.73 -2.81 -16.44
C PRO A 399 7.63 -2.13 -15.41
N SER A 400 8.56 -2.87 -14.81
N SER A 400 8.57 -2.88 -14.84
CA SER A 400 9.45 -2.28 -13.84
CA SER A 400 9.50 -2.32 -13.88
C SER A 400 10.35 -1.21 -14.47
C SER A 400 10.34 -1.19 -14.49
N LYS A 401 10.78 -0.25 -13.65
CA LYS A 401 11.49 0.95 -14.12
C LYS A 401 12.76 0.72 -14.94
N ASN A 402 13.41 -0.42 -14.74
CA ASN A 402 14.61 -0.73 -15.51
C ASN A 402 14.28 -1.23 -16.92
N LEU A 403 12.99 -1.39 -17.18
CA LEU A 403 12.52 -1.88 -18.48
C LEU A 403 11.79 -0.75 -19.20
N ALA A 404 11.66 -0.89 -20.52
CA ALA A 404 10.93 0.09 -21.32
C ALA A 404 9.47 0.16 -20.88
N PRO A 405 8.85 1.34 -21.00
CA PRO A 405 7.42 1.46 -20.69
C PRO A 405 6.58 0.83 -21.80
N ILE A 406 5.26 0.81 -21.63
CA ILE A 406 4.36 0.25 -22.63
C ILE A 406 3.90 1.35 -23.59
N ALA A 407 4.02 1.11 -24.90
CA ALA A 407 3.47 2.03 -25.89
C ALA A 407 2.00 1.67 -26.16
N LEU A 408 1.13 2.67 -26.21
CA LEU A 408 -0.30 2.42 -26.42
C LEU A 408 -0.51 1.69 -27.74
N ASN A 409 0.26 2.08 -28.75
CA ASN A 409 0.38 1.32 -29.98
C ASN A 409 1.82 0.84 -30.12
N ALA A 410 2.07 -0.42 -29.79
CA ALA A 410 3.42 -0.98 -29.86
C ALA A 410 3.94 -1.02 -31.29
N GLN A 411 5.26 -1.04 -31.44
CA GLN A 411 5.92 -0.87 -32.74
C GLN A 411 5.52 -1.88 -33.83
N ASP A 412 5.51 -3.16 -33.47
CA ASP A 412 5.21 -4.22 -34.43
C ASP A 412 3.74 -4.68 -34.36
N ASP A 413 3.01 -4.12 -33.39
CA ASP A 413 1.60 -4.44 -33.17
C ASP A 413 0.70 -3.72 -34.19
N PHE A 414 0.74 -4.17 -35.43
CA PHE A 414 0.07 -3.46 -36.52
C PHE A 414 -1.46 -3.64 -36.58
N SER A 415 -2.00 -4.49 -35.70
CA SER A 415 -3.45 -4.66 -35.57
C SER A 415 -3.99 -3.91 -34.35
N SER A 416 -3.12 -3.16 -33.69
CA SER A 416 -3.55 -2.34 -32.57
C SER A 416 -4.41 -1.19 -33.08
N THR A 417 -5.48 -0.87 -32.35
CA THR A 417 -6.41 0.16 -32.79
C THR A 417 -5.81 1.54 -32.62
N PRO A 418 -5.71 2.31 -33.72
CA PRO A 418 -5.16 3.66 -33.60
C PRO A 418 -6.04 4.54 -32.71
N ILE A 419 -5.42 5.49 -32.04
CA ILE A 419 -6.14 6.43 -31.20
C ILE A 419 -6.20 7.75 -31.95
N THR A 420 -7.39 8.10 -32.40
CA THR A 420 -7.57 9.27 -33.26
C THR A 420 -8.48 10.29 -32.61
N MET A 421 -8.37 11.54 -33.05
CA MET A 421 -9.36 12.55 -32.67
C MET A 421 -9.62 13.53 -33.81
N ASN A 422 -10.84 14.05 -33.91
CA ASN A 422 -11.15 15.02 -34.95
C ASN A 422 -10.52 16.38 -34.63
N TYR A 423 -10.73 17.34 -35.52
CA TYR A 423 -10.14 18.67 -35.39
C TYR A 423 -10.59 19.37 -34.11
N ASN A 424 -11.90 19.41 -33.87
CA ASN A 424 -12.45 20.04 -32.68
C ASN A 424 -11.91 19.43 -31.40
N GLN A 425 -11.86 18.11 -31.35
CA GLN A 425 -11.31 17.39 -30.22
C GLN A 425 -9.86 17.77 -29.99
N PHE A 426 -9.10 17.95 -31.06
CA PHE A 426 -7.69 18.29 -30.90
C PHE A 426 -7.52 19.71 -30.37
N LEU A 427 -8.35 20.64 -30.84
CA LEU A 427 -8.32 22.00 -30.31
C LEU A 427 -8.62 21.98 -28.81
N GLU A 428 -9.53 21.10 -28.40
CA GLU A 428 -9.85 20.97 -26.98
C GLU A 428 -8.64 20.49 -26.21
N LEU A 429 -7.90 19.54 -26.80
CA LEU A 429 -6.72 18.99 -26.15
C LEU A 429 -5.63 20.05 -26.01
N GLU A 430 -5.43 20.86 -27.06
CA GLU A 430 -4.41 21.90 -26.97
C GLU A 430 -4.82 22.99 -25.99
N LYS A 431 -6.13 23.21 -25.84
CA LYS A 431 -6.63 24.22 -24.92
C LYS A 431 -6.37 23.84 -23.46
N THR A 432 -6.65 22.58 -23.12
CA THR A 432 -6.52 22.14 -21.74
C THR A 432 -5.19 21.47 -21.45
N LYS A 433 -4.58 20.91 -22.49
CA LYS A 433 -3.36 20.10 -22.36
C LYS A 433 -3.48 19.04 -21.27
N GLN A 434 -4.67 18.49 -21.14
CA GLN A 434 -4.97 17.57 -20.06
C GLN A 434 -5.72 16.34 -20.57
N LEU A 435 -5.37 15.18 -20.01
CA LEU A 435 -6.08 13.93 -20.31
C LEU A 435 -6.37 13.23 -18.99
N ARG A 436 -7.36 12.35 -18.98
CA ARG A 436 -7.66 11.59 -17.78
C ARG A 436 -7.59 10.09 -18.09
N LEU A 437 -7.14 9.33 -17.11
CA LEU A 437 -7.07 7.88 -17.23
C LEU A 437 -7.91 7.25 -16.14
N ASP A 438 -9.08 6.73 -16.52
CA ASP A 438 -9.97 6.05 -15.57
C ASP A 438 -9.73 4.56 -15.64
N THR A 439 -9.29 3.98 -14.52
CA THR A 439 -8.90 2.58 -14.48
C THR A 439 -9.89 1.80 -13.60
N ASP A 440 -10.35 0.65 -14.05
CA ASP A 440 -11.30 -0.12 -13.24
C ASP A 440 -10.62 -0.88 -12.11
N GLN A 441 -11.39 -1.71 -11.41
CA GLN A 441 -10.84 -2.42 -10.25
C GLN A 441 -10.80 -3.91 -10.50
N VAL A 442 -10.50 -4.29 -11.74
CA VAL A 442 -10.43 -5.69 -12.13
C VAL A 442 -8.98 -6.16 -12.04
N TYR A 443 -8.66 -6.96 -11.01
CA TYR A 443 -7.28 -7.22 -10.65
C TYR A 443 -6.85 -8.69 -10.77
N GLY A 444 -7.79 -9.55 -11.13
CA GLY A 444 -7.50 -10.96 -11.33
C GLY A 444 -7.45 -11.79 -10.05
N ASN A 445 -6.74 -12.92 -10.11
CA ASN A 445 -6.71 -13.81 -8.96
C ASN A 445 -5.71 -13.43 -7.89
N ILE A 446 -5.84 -14.08 -6.73
CA ILE A 446 -5.08 -13.74 -5.54
C ILE A 446 -4.14 -14.90 -5.19
N ALA A 447 -2.92 -14.58 -4.78
CA ALA A 447 -2.02 -15.60 -4.26
C ALA A 447 -2.37 -15.83 -2.79
N THR A 448 -2.89 -17.02 -2.48
CA THR A 448 -3.33 -17.32 -1.13
C THR A 448 -2.53 -18.48 -0.53
N TYR A 449 -2.51 -18.56 0.79
CA TYR A 449 -1.84 -19.67 1.45
C TYR A 449 -2.64 -20.95 1.30
N ASN A 450 -1.95 -22.06 1.06
CA ASN A 450 -2.59 -23.36 0.95
C ASN A 450 -2.14 -24.30 2.07
N PHE A 451 -3.06 -24.63 2.97
CA PHE A 451 -2.73 -25.47 4.12
C PHE A 451 -2.37 -26.90 3.73
N GLU A 452 -2.84 -27.35 2.58
CA GLU A 452 -2.54 -28.69 2.08
C GLU A 452 -1.04 -28.91 1.89
N ASN A 453 -0.33 -27.88 1.46
CA ASN A 453 1.10 -27.99 1.19
C ASN A 453 1.96 -26.92 1.87
N GLY A 454 1.33 -26.04 2.64
CA GLY A 454 2.03 -25.00 3.36
C GLY A 454 2.74 -24.01 2.45
N ARG A 455 2.08 -23.65 1.34
CA ARG A 455 2.68 -22.76 0.35
C ARG A 455 1.70 -21.70 -0.11
N VAL A 456 2.22 -20.56 -0.56
CA VAL A 456 1.42 -19.53 -1.19
C VAL A 456 1.39 -19.76 -2.69
N ARG A 457 0.20 -19.78 -3.28
CA ARG A 457 0.06 -19.97 -4.72
C ARG A 457 -1.08 -19.12 -5.24
N VAL A 458 -1.02 -18.75 -6.51
CA VAL A 458 -2.15 -18.09 -7.16
C VAL A 458 -3.36 -19.04 -7.13
N ASP A 459 -4.45 -18.58 -6.51
CA ASP A 459 -5.68 -19.38 -6.46
C ASP A 459 -6.65 -18.94 -7.55
N THR A 460 -6.96 -19.85 -8.47
CA THR A 460 -7.83 -19.54 -9.60
C THR A 460 -9.29 -19.33 -9.16
N GLY A 461 -9.64 -19.86 -8.00
CA GLY A 461 -10.99 -19.69 -7.48
C GLY A 461 -11.17 -18.47 -6.60
N SER A 462 -10.13 -17.65 -6.50
CA SER A 462 -10.20 -16.43 -5.72
C SER A 462 -10.01 -15.24 -6.65
N ASN A 463 -10.93 -14.29 -6.58
CA ASN A 463 -10.87 -13.11 -7.44
C ASN A 463 -10.94 -11.85 -6.57
N TRP A 464 -10.06 -10.89 -6.85
CA TRP A 464 -10.03 -9.65 -6.09
C TRP A 464 -11.40 -8.96 -6.09
N SER A 465 -12.16 -9.14 -7.17
CA SER A 465 -13.51 -8.62 -7.26
C SER A 465 -14.47 -9.25 -6.23
N GLU A 466 -14.12 -10.43 -5.73
CA GLU A 466 -14.92 -11.09 -4.70
C GLU A 466 -14.56 -10.58 -3.30
N VAL A 467 -13.67 -9.60 -3.23
CA VAL A 467 -13.11 -9.16 -1.95
C VAL A 467 -13.14 -7.65 -1.74
N LEU A 468 -12.81 -6.90 -2.78
CA LEU A 468 -12.79 -5.43 -2.69
C LEU A 468 -14.01 -4.75 -2.06
N PRO A 469 -15.24 -5.13 -2.48
CA PRO A 469 -16.40 -4.43 -1.93
C PRO A 469 -16.50 -4.56 -0.41
N GLN A 470 -16.16 -5.73 0.12
CA GLN A 470 -16.21 -5.94 1.56
C GLN A 470 -15.11 -5.16 2.30
N ILE A 471 -13.93 -5.06 1.69
CA ILE A 471 -12.87 -4.23 2.24
C ILE A 471 -13.37 -2.79 2.33
N GLN A 472 -13.94 -2.31 1.23
CA GLN A 472 -14.41 -0.93 1.16
C GLN A 472 -15.55 -0.69 2.13
N GLU A 473 -16.34 -1.73 2.41
CA GLU A 473 -17.53 -1.60 3.24
C GLU A 473 -17.24 -1.65 4.73
N THR A 474 -16.10 -2.22 5.10
CA THR A 474 -15.84 -2.54 6.51
C THR A 474 -14.66 -1.80 7.12
N THR A 475 -14.02 -0.92 6.34
CA THR A 475 -12.82 -0.23 6.78
C THR A 475 -13.00 1.28 6.72
N ALA A 476 -12.20 2.00 7.50
CA ALA A 476 -12.07 3.45 7.34
C ALA A 476 -10.93 3.69 6.36
N ARG A 477 -11.10 4.68 5.47
CA ARG A 477 -10.02 5.00 4.54
C ARG A 477 -9.30 6.27 4.94
N ILE A 478 -7.97 6.20 5.00
CA ILE A 478 -7.16 7.39 5.21
C ILE A 478 -6.28 7.60 3.99
N ILE A 479 -6.30 8.82 3.47
CA ILE A 479 -5.43 9.19 2.35
C ILE A 479 -4.44 10.22 2.85
N PHE A 480 -3.14 9.97 2.63
CA PHE A 480 -2.08 10.78 3.23
C PHE A 480 -1.01 11.10 2.20
N ASN A 481 -0.57 12.35 2.14
CA ASN A 481 0.37 12.75 1.10
C ASN A 481 1.75 13.10 1.62
N GLY A 482 2.02 12.79 2.88
CA GLY A 482 3.24 13.26 3.52
C GLY A 482 4.54 12.73 2.94
N LYS A 483 4.49 11.56 2.31
CA LYS A 483 5.71 10.90 1.84
C LYS A 483 6.42 11.69 0.75
N ASP A 484 5.69 12.02 -0.32
CA ASP A 484 6.29 12.80 -1.42
C ASP A 484 5.26 13.67 -2.13
N LEU A 485 4.15 13.95 -1.45
CA LEU A 485 3.02 14.75 -1.96
C LEU A 485 2.08 14.00 -2.89
N ASN A 486 2.41 12.76 -3.24
CA ASN A 486 1.48 11.92 -3.96
C ASN A 486 0.48 11.35 -2.97
N LEU A 487 -0.75 11.11 -3.43
CA LEU A 487 -1.81 10.61 -2.55
C LEU A 487 -1.69 9.11 -2.33
N VAL A 488 -1.48 8.71 -1.09
CA VAL A 488 -1.41 7.29 -0.74
C VAL A 488 -2.61 6.89 0.11
N GLU A 489 -3.32 5.86 -0.33
CA GLU A 489 -4.51 5.40 0.38
C GLU A 489 -4.24 4.13 1.18
N ARG A 490 -4.72 4.10 2.42
CA ARG A 490 -4.71 2.89 3.23
C ARG A 490 -6.10 2.69 3.83
N ARG A 491 -6.44 1.46 4.17
CA ARG A 491 -7.73 1.18 4.81
C ARG A 491 -7.54 0.39 6.09
N ILE A 492 -8.28 0.76 7.13
CA ILE A 492 -8.06 0.20 8.46
C ILE A 492 -9.39 -0.36 8.97
N ALA A 493 -9.35 -1.57 9.50
CA ALA A 493 -10.56 -2.19 10.04
C ALA A 493 -11.15 -1.33 11.15
N ALA A 494 -12.42 -1.00 11.04
CA ALA A 494 -13.07 -0.16 12.05
C ALA A 494 -14.50 -0.60 12.29
N VAL A 495 -15.02 -0.33 13.48
CA VAL A 495 -16.36 -0.77 13.81
C VAL A 495 -17.44 -0.10 12.96
N ASN A 496 -18.50 -0.85 12.69
CA ASN A 496 -19.75 -0.28 12.18
C ASN A 496 -20.77 -0.44 13.29
N PRO A 497 -21.09 0.67 13.99
CA PRO A 497 -22.00 0.60 15.15
C PRO A 497 -23.41 0.13 14.80
N SER A 498 -23.74 0.10 13.50
CA SER A 498 -25.05 -0.39 13.06
C SER A 498 -25.02 -1.86 12.64
N ASP A 499 -23.82 -2.38 12.47
CA ASP A 499 -23.61 -3.73 11.94
C ASP A 499 -23.08 -4.64 13.05
N PRO A 500 -23.92 -5.59 13.53
CA PRO A 500 -23.56 -6.45 14.66
C PRO A 500 -22.21 -7.17 14.50
N LEU A 501 -21.92 -7.69 13.31
CA LEU A 501 -20.63 -8.34 13.05
C LEU A 501 -19.47 -7.36 13.17
N GLU A 502 -19.62 -6.18 12.56
CA GLU A 502 -18.57 -5.18 12.59
C GLU A 502 -18.51 -4.43 13.91
N THR A 503 -19.34 -4.84 14.89
CA THR A 503 -19.24 -4.29 16.24
C THR A 503 -18.27 -5.13 17.07
N THR A 504 -18.04 -6.36 16.62
CA THR A 504 -17.16 -7.31 17.30
C THR A 504 -15.69 -6.96 17.13
N LYS A 505 -15.42 -5.97 16.29
CA LYS A 505 -14.06 -5.55 15.99
C LYS A 505 -13.44 -4.75 17.12
N PRO A 506 -12.10 -4.78 17.21
CA PRO A 506 -11.40 -3.93 18.17
C PRO A 506 -11.62 -2.45 17.85
N ASP A 507 -11.59 -1.61 18.88
CA ASP A 507 -11.69 -0.18 18.69
C ASP A 507 -10.45 0.30 17.96
N MET A 508 -10.59 1.35 17.18
CA MET A 508 -9.48 1.90 16.42
C MET A 508 -9.51 3.41 16.58
N THR A 509 -8.44 3.98 17.11
CA THR A 509 -8.35 5.43 17.18
C THR A 509 -7.69 5.99 15.93
N LEU A 510 -7.87 7.28 15.68
CA LEU A 510 -7.23 7.92 14.55
C LEU A 510 -5.71 7.85 14.72
N LYS A 511 -5.24 8.07 15.94
CA LYS A 511 -3.82 7.99 16.24
C LYS A 511 -3.24 6.62 15.91
N GLU A 512 -3.89 5.58 16.39
CA GLU A 512 -3.38 4.22 16.18
C GLU A 512 -3.38 3.85 14.70
N ALA A 513 -4.43 4.24 13.99
CA ALA A 513 -4.52 3.97 12.56
C ALA A 513 -3.33 4.57 11.81
N LEU A 514 -2.97 5.81 12.15
CA LEU A 514 -1.85 6.47 11.49
C LEU A 514 -0.52 5.76 11.76
N LYS A 515 -0.33 5.31 13.00
CA LYS A 515 0.87 4.54 13.34
C LYS A 515 0.95 3.21 12.58
N ILE A 516 -0.14 2.45 12.56
CA ILE A 516 -0.08 1.11 11.95
C ILE A 516 -0.17 1.13 10.42
N ALA A 517 -0.92 2.07 9.86
CA ALA A 517 -1.14 2.09 8.42
C ALA A 517 -0.06 2.89 7.68
N PHE A 518 0.46 3.93 8.34
CA PHE A 518 1.40 4.84 7.66
C PHE A 518 2.75 4.96 8.33
N GLY A 519 2.90 4.38 9.51
CA GLY A 519 4.18 4.40 10.20
C GLY A 519 4.47 5.72 10.90
N PHE A 520 3.42 6.46 11.25
CA PHE A 520 3.59 7.60 12.16
C PHE A 520 4.15 7.03 13.46
N ASN A 521 4.95 7.82 14.18
CA ASN A 521 5.43 7.38 15.48
C ASN A 521 5.44 8.53 16.49
N GLU A 522 5.94 8.30 17.70
CA GLU A 522 5.88 9.31 18.74
C GLU A 522 6.96 9.16 19.81
N PRO A 523 8.22 9.49 19.45
CA PRO A 523 9.40 9.30 20.32
C PRO A 523 9.27 9.85 21.76
N ASN A 524 8.63 10.99 21.95
CA ASN A 524 8.38 11.47 23.32
C ASN A 524 6.89 11.73 23.54
N GLY A 525 6.03 10.90 22.97
CA GLY A 525 4.61 11.05 23.13
C GLY A 525 4.02 12.05 22.16
N ASN A 526 4.87 12.63 21.32
CA ASN A 526 4.43 13.59 20.33
C ASN A 526 4.38 12.97 18.93
N LEU A 527 3.18 12.90 18.37
CA LEU A 527 2.95 12.20 17.11
C LEU A 527 3.67 12.87 15.94
N GLN A 528 4.37 12.07 15.15
CA GLN A 528 5.15 12.58 14.03
C GLN A 528 5.08 11.63 12.85
N TYR A 529 5.31 12.14 11.65
CA TYR A 529 5.59 11.30 10.50
C TYR A 529 6.98 11.61 10.00
N GLN A 530 7.92 10.68 10.22
CA GLN A 530 9.30 10.84 9.77
C GLN A 530 9.93 12.16 10.18
N GLY A 531 9.83 12.48 11.47
CA GLY A 531 10.46 13.69 12.00
C GLY A 531 9.58 14.92 11.92
N LYS A 532 8.44 14.81 11.25
CA LYS A 532 7.57 15.97 11.06
C LYS A 532 6.36 15.97 11.99
N ASP A 533 6.19 17.03 12.76
CA ASP A 533 5.10 17.12 13.74
C ASP A 533 3.73 16.97 13.10
N ILE A 534 2.79 16.39 13.84
CA ILE A 534 1.44 16.14 13.31
C ILE A 534 0.73 17.45 12.95
N THR A 535 1.04 18.53 13.67
CA THR A 535 0.42 19.82 13.42
C THR A 535 0.80 20.41 12.05
N GLU A 536 1.75 19.76 11.38
CA GLU A 536 2.16 20.14 10.03
C GLU A 536 1.17 19.63 8.97
N PHE A 537 0.24 18.78 9.39
CA PHE A 537 -0.71 18.21 8.46
C PHE A 537 -2.15 18.62 8.79
N ASP A 538 -2.92 18.86 7.74
CA ASP A 538 -4.32 19.27 7.85
C ASP A 538 -5.18 18.01 7.84
N PHE A 539 -6.31 18.04 8.53
CA PHE A 539 -7.25 16.90 8.53
C PHE A 539 -8.54 17.30 7.83
N ASN A 540 -8.89 16.55 6.79
N ASN A 540 -8.89 16.55 6.79
CA ASN A 540 -10.11 16.81 6.04
CA ASN A 540 -10.11 16.81 6.04
C ASN A 540 -10.96 15.55 5.92
C ASN A 540 -10.96 15.55 5.92
N PHE A 541 -12.28 15.71 5.97
CA PHE A 541 -13.19 14.56 5.96
C PHE A 541 -14.32 14.74 4.96
N ASP A 542 -14.94 13.63 4.56
CA ASP A 542 -16.16 13.71 3.76
C ASP A 542 -17.26 14.32 4.65
N GLN A 543 -18.37 14.74 4.07
CA GLN A 543 -19.35 15.49 4.86
C GLN A 543 -19.98 14.67 5.98
N GLN A 544 -20.11 13.36 5.78
CA GLN A 544 -20.64 12.47 6.81
C GLN A 544 -19.64 12.24 7.92
N THR A 545 -18.38 12.01 7.55
CA THR A 545 -17.32 11.78 8.53
C THR A 545 -17.09 13.05 9.34
N LEU A 546 -17.14 14.20 8.67
CA LEU A 546 -16.95 15.49 9.33
C LEU A 546 -17.94 15.67 10.49
N GLN A 547 -19.21 15.37 10.24
CA GLN A 547 -20.24 15.50 11.25
C GLN A 547 -20.00 14.57 12.44
N ASN A 548 -19.54 13.35 12.13
CA ASN A 548 -19.18 12.38 13.16
C ASN A 548 -18.05 12.92 14.02
N ILE A 549 -17.01 13.43 13.37
CA ILE A 549 -15.83 13.92 14.08
C ILE A 549 -16.17 15.13 14.96
N LYS A 550 -16.96 16.05 14.42
CA LYS A 550 -17.41 17.22 15.20
C LYS A 550 -18.20 16.79 16.43
N ASN A 551 -19.04 15.76 16.29
CA ASN A 551 -19.77 15.21 17.42
C ASN A 551 -18.85 14.66 18.50
N GLN A 552 -17.82 13.93 18.08
CA GLN A 552 -16.85 13.36 19.01
C GLN A 552 -16.07 14.48 19.70
N LEU A 553 -15.72 15.51 18.94
CA LEU A 553 -15.01 16.66 19.49
C LEU A 553 -15.82 17.37 20.58
N ALA A 554 -17.10 17.56 20.31
CA ALA A 554 -17.99 18.23 21.27
C ALA A 554 -18.09 17.41 22.56
N GLU A 555 -18.15 16.09 22.41
CA GLU A 555 -18.23 15.18 23.55
C GLU A 555 -16.95 15.21 24.38
N LEU A 556 -15.83 15.47 23.71
CA LEU A 556 -14.53 15.52 24.37
C LEU A 556 -14.21 16.91 24.89
N ASN A 557 -15.16 17.84 24.70
CA ASN A 557 -14.92 19.25 24.97
C ASN A 557 -13.61 19.73 24.35
N ALA A 558 -13.35 19.27 23.13
CA ALA A 558 -12.16 19.68 22.39
C ALA A 558 -12.58 20.54 21.22
N THR A 559 -11.72 21.49 20.87
CA THR A 559 -11.96 22.42 19.77
C THR A 559 -10.88 22.21 18.72
N ASN A 560 -9.88 21.43 19.10
CA ASN A 560 -8.73 21.12 18.26
C ASN A 560 -8.51 19.59 18.24
N ILE A 561 -8.30 19.03 17.05
CA ILE A 561 -8.20 17.58 16.90
C ILE A 561 -6.84 16.98 17.31
N TYR A 562 -5.80 17.81 17.35
CA TYR A 562 -4.47 17.31 17.64
C TYR A 562 -4.35 16.75 19.06
N GLU A 563 -4.99 17.41 20.02
CA GLU A 563 -4.91 17.04 21.42
C GLU A 563 -5.70 15.80 21.79
N VAL A 564 -6.55 15.32 20.88
CA VAL A 564 -7.41 14.17 21.16
C VAL A 564 -7.39 13.11 20.05
N LEU A 565 -6.28 13.04 19.31
CA LEU A 565 -6.14 12.05 18.24
C LEU A 565 -6.24 10.62 18.78
N ASP A 566 -5.81 10.43 20.04
CA ASP A 566 -5.85 9.12 20.66
C ASP A 566 -7.23 8.81 21.26
N LYS A 567 -8.16 9.74 21.12
CA LYS A 567 -9.52 9.52 21.64
C LYS A 567 -10.58 9.55 20.53
N ILE A 568 -10.20 10.05 19.36
CA ILE A 568 -11.09 10.02 18.20
C ILE A 568 -11.24 8.58 17.69
N LYS A 569 -12.46 8.06 17.65
CA LYS A 569 -12.70 6.69 17.18
C LYS A 569 -13.07 6.65 15.71
N LEU A 570 -12.53 5.68 14.99
CA LEU A 570 -12.82 5.50 13.56
C LEU A 570 -13.98 4.53 13.37
N ASN A 571 -14.76 4.74 12.32
CA ASN A 571 -15.83 3.81 11.96
C ASN A 571 -15.65 3.37 10.51
N ALA A 572 -16.25 2.22 10.16
CA ALA A 572 -16.24 1.75 8.78
C ALA A 572 -16.80 2.83 7.87
N LYS A 573 -16.21 2.95 6.69
CA LYS A 573 -16.67 3.85 5.63
C LYS A 573 -16.37 5.35 5.85
N MET A 574 -15.61 5.68 6.90
CA MET A 574 -15.09 7.03 7.02
C MET A 574 -14.08 7.28 5.90
N ASN A 575 -13.98 8.54 5.45
CA ASN A 575 -12.93 8.94 4.53
C ASN A 575 -12.20 10.12 5.12
N ILE A 576 -10.90 9.97 5.30
CA ILE A 576 -10.08 10.97 5.96
C ILE A 576 -8.94 11.34 5.02
N LEU A 577 -8.77 12.63 4.78
CA LEU A 577 -7.72 13.11 3.87
C LEU A 577 -6.74 13.95 4.66
N ILE A 578 -5.46 13.59 4.61
CA ILE A 578 -4.46 14.27 5.43
C ILE A 578 -3.37 14.81 4.51
N ARG A 579 -3.14 16.13 4.58
CA ARG A 579 -2.28 16.80 3.62
C ARG A 579 -1.30 17.76 4.27
N ASP A 580 -0.10 17.83 3.70
CA ASP A 580 0.93 18.74 4.17
C ASP A 580 0.43 20.19 4.05
N LYS A 581 0.40 20.92 5.16
CA LYS A 581 -0.16 22.28 5.18
C LYS A 581 0.62 23.31 4.36
N ARG A 582 1.83 22.95 3.96
N ARG A 582 1.83 22.95 3.96
CA ARG A 582 2.71 23.90 3.26
CA ARG A 582 2.71 23.90 3.26
C ARG A 582 2.37 24.10 1.78
C ARG A 582 2.37 24.10 1.78
N PHE A 583 1.41 23.35 1.27
CA PHE A 583 1.07 23.43 -0.15
C PHE A 583 -0.38 23.80 -0.44
N HIS A 584 -0.62 24.31 -1.65
CA HIS A 584 -1.97 24.57 -2.14
C HIS A 584 -2.36 23.36 -2.99
N TYR A 585 -3.63 22.97 -2.93
CA TYR A 585 -4.11 21.78 -3.62
C TYR A 585 -5.23 22.14 -4.56
N ASP A 586 -5.29 21.49 -5.72
CA ASP A 586 -6.41 21.71 -6.62
C ASP A 586 -7.57 20.81 -6.23
N ARG A 587 -8.60 20.76 -7.06
CA ARG A 587 -9.79 19.97 -6.77
C ARG A 587 -9.51 18.47 -6.75
N ASN A 588 -8.40 18.05 -7.35
CA ASN A 588 -8.01 16.64 -7.36
C ASN A 588 -7.05 16.32 -6.23
N ASN A 589 -6.83 17.31 -5.37
CA ASN A 589 -5.91 17.19 -4.24
C ASN A 589 -4.47 16.93 -4.65
N ILE A 590 -4.12 17.42 -5.84
CA ILE A 590 -2.75 17.43 -6.29
C ILE A 590 -2.12 18.74 -5.82
N ALA A 591 -0.89 18.67 -5.33
CA ALA A 591 -0.20 19.89 -4.88
C ALA A 591 0.20 20.69 -6.10
N VAL A 592 -0.22 21.96 -6.13
CA VAL A 592 -0.05 22.78 -7.33
C VAL A 592 0.57 24.13 -7.00
N GLY A 593 0.90 24.34 -5.73
CA GLY A 593 1.48 25.61 -5.33
C GLY A 593 1.80 25.69 -3.85
N ALA A 594 2.26 26.87 -3.43
CA ALA A 594 2.59 27.13 -2.03
C ALA A 594 2.61 28.63 -1.82
N ASP A 595 2.54 29.07 -0.57
CA ASP A 595 2.59 30.49 -0.26
C ASP A 595 3.91 31.11 -0.75
N GLU A 596 3.88 32.40 -1.07
CA GLU A 596 5.07 33.09 -1.56
C GLU A 596 6.26 32.93 -0.60
N SER A 597 6.02 33.07 0.70
CA SER A 597 7.08 32.94 1.70
C SER A 597 7.74 31.56 1.68
N VAL A 598 6.93 30.51 1.49
CA VAL A 598 7.45 29.15 1.42
C VAL A 598 8.32 28.96 0.19
N VAL A 599 7.87 29.50 -0.94
CA VAL A 599 8.63 29.43 -2.19
C VAL A 599 9.93 30.23 -2.09
N LYS A 600 9.86 31.44 -1.52
CA LYS A 600 11.06 32.25 -1.33
C LYS A 600 12.08 31.56 -0.44
N GLU A 601 11.62 31.09 0.72
CA GLU A 601 12.50 30.43 1.68
C GLU A 601 13.20 29.24 1.05
N ALA A 602 12.49 28.56 0.15
CA ALA A 602 13.03 27.35 -0.48
C ALA A 602 14.18 27.65 -1.45
N HIS A 603 14.31 28.90 -1.87
CA HIS A 603 15.36 29.28 -2.81
C HIS A 603 16.47 30.10 -2.16
N ARG A 604 16.46 30.20 -0.83
CA ARG A 604 17.44 31.02 -0.11
C ARG A 604 18.86 30.46 -0.22
N GLU A 605 18.99 29.18 -0.53
CA GLU A 605 20.28 28.50 -0.49
C GLU A 605 20.96 28.48 -1.85
N VAL A 606 21.56 29.61 -2.24
CA VAL A 606 22.27 29.70 -3.51
C VAL A 606 23.69 29.17 -3.37
N ILE A 607 24.03 28.18 -4.18
CA ILE A 607 25.35 27.57 -4.17
C ILE A 607 26.30 28.38 -5.04
N ASN A 608 25.82 28.76 -6.21
CA ASN A 608 26.63 29.52 -7.15
C ASN A 608 25.74 30.36 -8.05
N SER A 609 26.23 31.56 -8.39
CA SER A 609 25.54 32.42 -9.33
C SER A 609 26.55 32.94 -10.35
N SER A 610 26.14 33.00 -11.61
CA SER A 610 26.98 33.55 -12.66
C SER A 610 26.09 34.09 -13.76
N THR A 611 26.69 34.69 -14.78
CA THR A 611 25.92 35.17 -15.93
C THR A 611 25.33 34.01 -16.74
N GLU A 612 25.72 32.79 -16.39
CA GLU A 612 25.21 31.59 -17.06
C GLU A 612 24.02 30.97 -16.35
N GLY A 613 23.90 31.24 -15.04
CA GLY A 613 22.78 30.71 -14.29
C GLY A 613 22.99 30.58 -12.79
N LEU A 614 22.03 29.92 -12.14
CA LEU A 614 22.06 29.74 -10.70
C LEU A 614 22.16 28.27 -10.35
N LEU A 615 22.92 27.97 -9.30
CA LEU A 615 22.99 26.61 -8.77
C LEU A 615 22.52 26.66 -7.32
N LEU A 616 21.56 25.82 -6.96
CA LEU A 616 21.02 25.84 -5.60
C LEU A 616 20.40 24.52 -5.15
N ASN A 617 20.27 24.39 -3.83
CA ASN A 617 19.58 23.24 -3.22
C ASN A 617 18.11 23.54 -3.08
N ILE A 618 17.27 22.79 -3.77
CA ILE A 618 15.82 22.96 -3.64
C ILE A 618 15.17 21.63 -3.29
N ASP A 619 14.39 21.61 -2.21
CA ASP A 619 13.70 20.40 -1.78
C ASP A 619 12.85 19.78 -2.90
N LYS A 620 12.70 18.45 -2.84
CA LYS A 620 11.88 17.72 -3.81
C LYS A 620 10.46 18.24 -3.85
N ASP A 621 9.87 18.47 -2.69
CA ASP A 621 8.46 18.86 -2.64
C ASP A 621 8.18 20.24 -3.25
N ILE A 622 9.11 21.18 -3.08
CA ILE A 622 8.98 22.49 -3.70
C ILE A 622 9.10 22.39 -5.22
N ARG A 623 10.07 21.62 -5.72
CA ARG A 623 10.25 21.46 -7.16
C ARG A 623 9.01 20.88 -7.82
N LYS A 624 8.31 20.01 -7.10
CA LYS A 624 7.10 19.38 -7.58
C LYS A 624 5.99 20.41 -7.91
N ILE A 625 5.97 21.54 -7.21
CA ILE A 625 4.91 22.53 -7.46
C ILE A 625 5.34 23.73 -8.30
N LEU A 626 6.54 23.64 -8.91
CA LEU A 626 7.04 24.69 -9.79
C LEU A 626 6.99 24.26 -11.27
N SER A 627 6.66 25.19 -12.16
CA SER A 627 6.68 24.93 -13.60
C SER A 627 7.95 25.47 -14.22
N GLY A 628 8.60 26.41 -13.53
CA GLY A 628 9.83 26.98 -14.05
C GLY A 628 10.10 28.38 -13.57
N TYR A 629 10.91 29.11 -14.33
CA TYR A 629 11.37 30.41 -13.89
C TYR A 629 11.35 31.46 -15.01
N ILE A 630 11.25 32.71 -14.61
CA ILE A 630 11.35 33.84 -15.53
C ILE A 630 12.57 34.66 -15.14
N VAL A 631 13.40 35.02 -16.12
CA VAL A 631 14.63 35.75 -15.86
C VAL A 631 14.51 37.15 -16.46
N GLU A 632 14.86 38.17 -15.68
CA GLU A 632 14.80 39.53 -16.19
C GLU A 632 16.01 40.34 -15.76
N ILE A 633 16.36 41.33 -16.56
CA ILE A 633 17.42 42.27 -16.22
C ILE A 633 16.76 43.63 -15.98
N GLU A 634 17.00 44.20 -14.81
CA GLU A 634 16.37 45.46 -14.43
C GLU A 634 17.43 46.55 -14.40
N ASP A 635 17.23 47.61 -15.17
CA ASP A 635 18.23 48.67 -15.23
C ASP A 635 18.17 49.62 -14.05
N THR A 636 19.01 50.65 -14.09
CA THR A 636 19.11 51.64 -13.04
C THR A 636 17.86 52.52 -12.93
N GLU A 637 17.10 52.59 -14.02
CA GLU A 637 15.89 53.41 -14.05
C GLU A 637 14.69 52.59 -13.59
N GLY A 638 14.91 51.29 -13.41
CA GLY A 638 13.85 50.40 -12.97
C GLY A 638 13.11 49.78 -14.13
N LEU A 639 13.63 49.99 -15.34
CA LEU A 639 13.02 49.39 -16.54
C LEU A 639 13.55 47.97 -16.71
N LYS A 640 12.79 47.14 -17.42
CA LYS A 640 13.10 45.73 -17.48
C LYS A 640 13.25 45.14 -18.88
N GLU A 641 14.15 44.17 -18.98
CA GLU A 641 14.24 43.30 -20.15
C GLU A 641 14.01 41.88 -19.65
N VAL A 642 12.98 41.22 -20.17
CA VAL A 642 12.74 39.83 -19.81
C VAL A 642 13.44 38.93 -20.82
N ILE A 643 14.31 38.05 -20.32
CA ILE A 643 15.16 37.23 -21.17
C ILE A 643 14.36 36.12 -21.88
N ASN A 644 13.64 35.33 -21.11
CA ASN A 644 12.79 34.28 -21.69
C ASN A 644 11.32 34.69 -21.68
N ASP A 645 10.96 35.68 -22.50
CA ASP A 645 9.64 36.31 -22.41
C ASP A 645 8.55 35.62 -23.22
N ARG A 646 8.32 34.34 -22.92
CA ARG A 646 7.19 33.60 -23.46
C ARG A 646 6.61 32.70 -22.38
N TYR A 647 5.30 32.52 -22.41
CA TYR A 647 4.61 31.67 -21.44
C TYR A 647 5.13 30.25 -21.50
N ASP A 648 5.68 29.87 -22.64
CA ASP A 648 6.16 28.50 -22.85
C ASP A 648 7.68 28.39 -22.83
N MET A 649 8.33 29.35 -22.18
CA MET A 649 9.79 29.37 -22.02
C MET A 649 10.22 29.31 -20.55
N LEU A 650 9.37 28.76 -19.68
CA LEU A 650 9.68 28.68 -18.25
C LEU A 650 10.63 27.53 -17.94
N ASN A 651 10.73 26.57 -18.85
CA ASN A 651 11.43 25.32 -18.58
C ASN A 651 12.96 25.43 -18.68
N ILE A 652 13.55 26.26 -17.81
CA ILE A 652 14.99 26.47 -17.84
C ILE A 652 15.67 25.86 -16.63
N SER A 653 14.91 25.11 -15.83
CA SER A 653 15.46 24.45 -14.66
C SER A 653 15.73 22.98 -14.95
N SER A 654 16.88 22.50 -14.49
CA SER A 654 17.19 21.08 -14.59
C SER A 654 17.76 20.59 -13.26
N LEU A 655 17.67 19.29 -13.04
CA LEU A 655 18.18 18.68 -11.82
C LEU A 655 19.51 18.01 -12.15
N ARG A 656 20.56 18.33 -11.40
CA ARG A 656 21.86 17.71 -11.64
C ARG A 656 21.89 16.31 -11.08
N GLN A 657 22.95 15.56 -11.38
CA GLN A 657 23.08 14.19 -10.89
C GLN A 657 23.17 14.20 -9.36
N ASP A 658 23.78 15.24 -8.81
CA ASP A 658 23.92 15.36 -7.36
C ASP A 658 22.67 15.94 -6.69
N GLY A 659 21.61 16.12 -7.48
CA GLY A 659 20.33 16.56 -6.94
C GLY A 659 20.23 18.05 -6.73
N LYS A 660 21.23 18.79 -7.22
CA LYS A 660 21.13 20.24 -7.19
C LYS A 660 20.37 20.74 -8.40
N THR A 661 19.76 21.91 -8.27
CA THR A 661 18.99 22.50 -9.35
C THR A 661 19.81 23.57 -10.07
N PHE A 662 19.90 23.48 -11.39
CA PHE A 662 20.54 24.52 -12.18
C PHE A 662 19.48 25.29 -12.97
N ILE A 663 19.51 26.61 -12.83
CA ILE A 663 18.60 27.48 -13.58
C ILE A 663 19.39 28.13 -14.71
N ASP A 664 19.05 27.76 -15.94
CA ASP A 664 19.87 28.09 -17.12
C ASP A 664 19.48 29.42 -17.78
N PHE A 665 20.35 30.42 -17.65
CA PHE A 665 20.10 31.74 -18.22
C PHE A 665 20.30 31.74 -19.73
N LYS A 666 21.10 30.79 -20.22
CA LYS A 666 21.51 30.79 -21.61
C LYS A 666 20.50 30.14 -22.55
N LYS A 667 19.74 29.19 -22.02
CA LYS A 667 18.82 28.38 -22.83
C LYS A 667 17.95 29.18 -23.79
N TYR A 668 17.32 30.24 -23.31
CA TYR A 668 16.49 31.08 -24.18
C TYR A 668 17.11 32.48 -24.39
N ASN A 669 18.42 32.56 -24.24
CA ASN A 669 19.16 33.79 -24.51
C ASN A 669 20.12 33.58 -25.67
N ASP A 670 19.68 32.79 -26.65
CA ASP A 670 20.51 32.38 -27.79
C ASP A 670 21.79 31.68 -27.34
N LYS A 671 21.67 30.86 -26.28
CA LYS A 671 22.78 30.05 -25.79
C LYS A 671 23.99 30.89 -25.36
N LEU A 672 23.73 32.13 -24.96
CA LEU A 672 24.77 33.04 -24.53
C LEU A 672 24.52 33.48 -23.09
N PRO A 673 25.59 33.76 -22.33
CA PRO A 673 25.41 34.27 -20.96
C PRO A 673 24.72 35.62 -21.02
N LEU A 674 24.05 36.01 -19.95
CA LEU A 674 23.38 37.31 -19.93
C LEU A 674 24.38 38.42 -20.20
N TYR A 675 23.97 39.39 -21.00
CA TYR A 675 24.74 40.61 -21.23
C TYR A 675 24.20 41.66 -20.26
N ILE A 676 25.00 41.97 -19.24
CA ILE A 676 24.62 42.97 -18.26
C ILE A 676 25.45 44.22 -18.51
N SER A 677 24.85 45.22 -19.17
CA SER A 677 25.60 46.37 -19.70
C SER A 677 26.24 47.25 -18.62
N ASN A 678 25.64 47.26 -17.43
CA ASN A 678 26.18 48.00 -16.30
C ASN A 678 26.10 47.17 -15.02
N PRO A 679 27.20 47.14 -14.24
CA PRO A 679 27.34 46.32 -13.04
C PRO A 679 26.27 46.58 -11.99
N ASN A 680 25.66 47.76 -12.03
CA ASN A 680 24.59 48.11 -11.09
C ASN A 680 23.21 47.63 -11.51
N TYR A 681 23.10 47.07 -12.72
CA TYR A 681 21.86 46.44 -13.16
C TYR A 681 21.59 45.22 -12.28
N LYS A 682 20.33 44.83 -12.19
CA LYS A 682 19.96 43.66 -11.40
C LYS A 682 19.51 42.49 -12.28
N VAL A 683 19.83 41.28 -11.85
CA VAL A 683 19.25 40.08 -12.44
C VAL A 683 18.21 39.56 -11.47
N ASN A 684 16.95 39.59 -11.90
CA ASN A 684 15.86 39.10 -11.09
C ASN A 684 15.34 37.79 -11.66
N VAL A 685 15.20 36.78 -10.80
CA VAL A 685 14.68 35.49 -11.22
C VAL A 685 13.42 35.18 -10.43
N TYR A 686 12.34 34.84 -11.14
CA TYR A 686 11.04 34.61 -10.52
C TYR A 686 10.63 33.16 -10.68
N ALA A 687 10.02 32.60 -9.64
CA ALA A 687 9.48 31.24 -9.74
C ALA A 687 8.03 31.29 -10.17
N VAL A 688 7.60 30.31 -10.97
CA VAL A 688 6.21 30.19 -11.34
C VAL A 688 5.67 28.85 -10.85
N THR A 689 4.62 28.87 -10.03
CA THR A 689 4.05 27.62 -9.54
C THR A 689 3.07 27.02 -10.55
N LYS A 690 2.76 25.74 -10.39
CA LYS A 690 1.87 25.05 -11.32
C LYS A 690 0.52 25.74 -11.45
N GLU A 691 -0.06 26.17 -10.33
CA GLU A 691 -1.41 26.73 -10.36
C GLU A 691 -1.45 28.10 -11.04
N ASN A 692 -0.28 28.72 -11.20
CA ASN A 692 -0.18 30.03 -11.85
C ASN A 692 0.40 29.93 -13.25
N THR A 693 0.58 28.72 -13.73
CA THR A 693 1.17 28.50 -15.04
C THR A 693 0.15 28.76 -16.15
N ILE A 694 0.56 29.52 -17.15
CA ILE A 694 -0.29 29.77 -18.31
C ILE A 694 0.16 28.83 -19.43
N ILE A 695 -0.79 28.14 -20.06
CA ILE A 695 -0.46 27.07 -20.99
C ILE A 695 -0.89 27.34 -22.44
N ASN A 696 -1.34 28.56 -22.70
CA ASN A 696 -1.72 28.97 -24.04
C ASN A 696 -1.59 30.49 -24.16
N PRO A 697 -1.49 31.01 -25.39
CA PRO A 697 -1.54 32.47 -25.55
C PRO A 697 -2.88 33.02 -25.06
N SER A 698 -2.93 34.30 -24.72
CA SER A 698 -4.17 34.89 -24.22
C SER A 698 -5.17 35.10 -25.36
N GLU A 699 -6.38 35.54 -25.02
CA GLU A 699 -7.41 35.92 -25.98
C GLU A 699 -6.86 36.74 -27.14
N ASN A 700 -6.14 37.80 -26.81
CA ASN A 700 -5.65 38.75 -27.80
C ASN A 700 -4.40 38.29 -28.53
N GLY A 701 -3.93 37.09 -28.20
CA GLY A 701 -2.78 36.51 -28.86
C GLY A 701 -1.47 36.80 -28.15
N ASP A 702 -1.54 37.26 -26.91
CA ASP A 702 -0.34 37.60 -26.16
C ASP A 702 0.39 36.32 -25.75
N THR A 703 1.68 36.25 -26.08
CA THR A 703 2.48 35.07 -25.78
C THR A 703 3.52 35.37 -24.69
N SER A 704 3.57 36.62 -24.24
CA SER A 704 4.59 37.05 -23.28
C SER A 704 4.33 36.50 -21.88
N THR A 705 5.18 36.87 -20.93
CA THR A 705 5.04 36.44 -19.53
C THR A 705 4.33 37.48 -18.68
N ASN A 706 3.76 38.51 -19.32
CA ASN A 706 3.26 39.67 -18.60
C ASN A 706 2.09 39.43 -17.63
N GLY A 707 1.21 38.49 -17.96
CA GLY A 707 0.09 38.19 -17.11
C GLY A 707 0.35 37.06 -16.13
N ILE A 708 1.59 36.56 -16.11
CA ILE A 708 1.92 35.42 -15.26
C ILE A 708 2.19 35.83 -13.82
N LYS A 709 1.45 35.23 -12.88
CA LYS A 709 1.66 35.50 -11.47
C LYS A 709 2.96 34.82 -11.03
N LYS A 710 3.94 35.62 -10.64
CA LYS A 710 5.27 35.08 -10.38
C LYS A 710 5.83 35.57 -9.03
N ILE A 711 6.80 34.81 -8.51
CA ILE A 711 7.36 35.05 -7.18
C ILE A 711 8.85 35.30 -7.27
N LEU A 712 9.31 36.46 -6.83
CA LEU A 712 10.75 36.76 -6.86
C LEU A 712 11.52 35.87 -5.89
N ILE A 713 12.49 35.12 -6.41
CA ILE A 713 13.28 34.24 -5.56
C ILE A 713 14.78 34.53 -5.57
N PHE A 714 15.19 35.46 -6.42
CA PHE A 714 16.59 35.86 -6.51
C PHE A 714 16.69 37.25 -7.12
N SER A 715 17.53 38.09 -6.51
CA SER A 715 17.77 39.42 -7.06
C SER A 715 19.11 39.93 -6.60
N LYS A 716 20.03 40.06 -7.55
CA LYS A 716 21.40 40.47 -7.25
C LYS A 716 21.91 41.39 -8.35
N LYS A 717 22.74 42.34 -7.98
CA LYS A 717 23.35 43.24 -8.95
C LYS A 717 24.44 42.52 -9.72
N GLY A 718 24.76 43.02 -10.90
CA GLY A 718 25.83 42.47 -11.71
C GLY A 718 27.12 42.28 -10.93
N TYR A 719 27.52 43.28 -10.16
CA TYR A 719 28.76 43.16 -9.39
C TYR A 719 28.66 42.17 -8.22
N GLU A 720 27.45 41.93 -7.73
CA GLU A 720 27.25 41.00 -6.62
C GLU A 720 27.34 39.57 -7.12
N ILE A 721 27.00 39.38 -8.39
CA ILE A 721 27.02 38.08 -9.03
C ILE A 721 28.43 37.67 -9.45
N GLY A 722 29.17 38.62 -10.02
CA GLY A 722 30.55 38.39 -10.41
C GLY A 722 30.71 37.51 -11.64
CA CA B . -10.25 -17.08 15.55
CA CA C . -10.31 -13.44 13.29
C1 GOL D . 1.32 25.59 -27.85
O1 GOL D . 0.06 25.00 -27.56
C2 GOL D . 2.31 25.24 -26.75
O2 GOL D . 2.09 26.06 -25.61
C3 GOL D . 3.73 25.47 -27.27
O3 GOL D . 3.79 26.77 -27.81
C1 GOL E . -12.13 1.78 -17.68
O1 GOL E . -12.69 1.07 -18.75
C2 GOL E . -13.25 2.35 -16.80
O2 GOL E . -13.50 3.69 -17.16
C3 GOL E . -12.79 2.30 -15.35
O3 GOL E . -13.56 3.17 -14.54
#